data_3RUY
#
_entry.id   3RUY
#
_cell.length_a   70.120
_cell.length_b   98.291
_cell.length_c   126.783
_cell.angle_alpha   90.0
_cell.angle_beta   90.0
_cell.angle_gamma   90.0
#
_symmetry.space_group_name_H-M   'P 21 21 21'
#
loop_
_entity.id
_entity.type
_entity.pdbx_description
1 polymer 'Ornithine aminotransferase'
2 water water
#
_entity_poly.entity_id   1
_entity_poly.type   'polypeptide(L)'
_entity_poly.pdbx_seq_one_letter_code
;KDIIELTDTYGANNYHPLPIVISKAEGVWVEDPEGNRYMDLLSAYSAVNQGHRHPKIINALIDQANRVTLTSRAFHSDQL
GPWYEKVAKLTNKEMVLPMNTGAEAVETAIKTARRWAYDVKKVEANRAEIIVCEDNFHGRTMGAVSMSSNEEYKRGFGPM
LPGIIVIPYGDLEALKAAITPNTAAFILEPIQGEAGINIPPAGFLKEALEVCKKENVLFVADEIQTGLGRTGKVFACDWD
NVTPDMYILG(LLP)ALGGGVFPISCAAANRDILGVFEPGSHGSTFGGNPLACAVSIAALEVLEEEKLTERSLQLGEKLV
GQLKEIDNPMITEVRGKGLFIGIELNEPARPYCEQLKAAGLLCKETHENVIRIAPPLVISEEDLEWAFQKIKAVLS
;
_entity_poly.pdbx_strand_id   A,B
#
# COMPACT_ATOMS: atom_id res chain seq x y z
N LYS A 1 7.18 16.19 22.70
CA LYS A 1 6.80 16.09 24.11
C LYS A 1 7.02 14.69 24.64
N ASP A 2 8.15 14.11 24.28
CA ASP A 2 8.53 12.77 24.77
C ASP A 2 7.62 11.67 24.28
N ILE A 3 6.94 11.92 23.18
CA ILE A 3 6.18 10.91 22.51
C ILE A 3 7.23 9.92 22.04
N ILE A 4 8.39 10.46 21.67
CA ILE A 4 9.49 9.70 21.13
C ILE A 4 9.97 8.61 22.06
N GLU A 5 10.01 8.89 23.35
CA GLU A 5 10.42 7.87 24.28
C GLU A 5 9.52 6.67 24.06
N LEU A 6 8.27 6.93 23.71
CA LEU A 6 7.31 5.87 23.48
C LEU A 6 7.53 5.19 22.14
N THR A 7 7.94 5.96 21.14
CA THR A 7 8.16 5.43 19.80
C THR A 7 9.41 4.54 19.76
N ASP A 8 10.45 4.97 20.48
CA ASP A 8 11.70 4.23 20.52
C ASP A 8 11.52 2.85 21.15
N THR A 9 10.71 2.80 22.21
CA THR A 9 10.48 1.57 22.95
C THR A 9 9.97 0.45 22.05
N TYR A 10 8.89 0.71 21.32
CA TYR A 10 8.24 -0.33 20.51
C TYR A 10 8.40 -0.11 19.01
N GLY A 11 9.21 0.87 18.62
CA GLY A 11 9.33 1.22 17.22
C GLY A 11 10.51 0.57 16.52
N ALA A 12 10.30 0.21 15.24
CA ALA A 12 11.36 -0.37 14.43
C ALA A 12 12.36 0.70 14.03
N ASN A 13 13.57 0.29 13.68
CA ASN A 13 14.67 1.22 13.47
C ASN A 13 14.92 1.57 12.00
N ASN A 14 13.92 1.38 11.15
CA ASN A 14 14.06 1.72 9.74
C ASN A 14 13.96 3.23 9.49
N TYR A 15 13.62 3.97 10.54
CA TYR A 15 13.55 5.43 10.44
C TYR A 15 14.23 6.09 11.64
N HIS A 16 15.12 7.05 11.36
CA HIS A 16 15.72 7.86 12.41
C HIS A 16 15.32 9.32 12.18
N PRO A 17 14.11 9.68 12.60
CA PRO A 17 13.53 11.01 12.37
C PRO A 17 14.08 12.09 13.30
N LEU A 18 13.95 13.35 12.89
CA LEU A 18 14.32 14.47 13.74
C LEU A 18 13.53 14.38 15.05
N PRO A 19 14.06 14.98 16.13
CA PRO A 19 13.41 14.89 17.44
C PRO A 19 12.09 15.65 17.58
N ILE A 20 11.57 16.18 16.48
CA ILE A 20 10.39 17.03 16.51
C ILE A 20 9.06 16.32 16.26
N VAL A 21 8.06 16.65 17.08
CA VAL A 21 6.75 16.03 17.00
C VAL A 21 5.72 17.02 16.46
N ILE A 22 4.99 16.61 15.42
CA ILE A 22 3.96 17.43 14.82
C ILE A 22 2.57 16.94 15.25
N SER A 23 1.85 17.80 15.98
CA SER A 23 0.53 17.44 16.50
C SER A 23 -0.59 18.11 15.69
N LYS A 24 -0.23 19.12 14.90
CA LYS A 24 -1.22 19.81 14.08
C LYS A 24 -0.58 20.40 12.83
N ALA A 25 -1.28 20.29 11.70
CA ALA A 25 -0.81 20.85 10.44
C ALA A 25 -1.98 21.46 9.66
N GLU A 26 -1.71 22.59 9.00
CA GLU A 26 -2.72 23.26 8.19
C GLU A 26 -2.05 24.15 7.15
N GLY A 27 -2.39 23.96 5.88
CA GLY A 27 -1.76 24.71 4.80
C GLY A 27 -0.29 24.38 4.68
N VAL A 28 0.56 25.38 4.82
CA VAL A 28 2.00 25.17 4.75
C VAL A 28 2.59 25.12 6.16
N TRP A 29 1.75 25.30 7.16
CA TRP A 29 2.20 25.41 8.55
C TRP A 29 1.95 24.12 9.34
N VAL A 30 2.96 23.71 10.09
CA VAL A 30 2.81 22.61 11.04
C VAL A 30 3.15 23.11 12.44
N GLU A 31 2.80 22.35 13.45
CA GLU A 31 2.88 22.83 14.83
C GLU A 31 3.12 21.68 15.81
N ASP A 32 4.07 21.89 16.72
CA ASP A 32 4.41 20.85 17.69
C ASP A 32 3.56 20.99 18.95
N PRO A 33 3.61 19.98 19.85
CA PRO A 33 2.84 19.97 21.09
C PRO A 33 2.98 21.23 21.94
N GLU A 34 4.20 21.74 22.02
CA GLU A 34 4.52 22.94 22.77
C GLU A 34 3.87 24.16 22.19
N GLY A 35 3.64 24.15 20.90
CA GLY A 35 3.07 25.30 20.21
C GLY A 35 3.90 25.91 19.10
N ASN A 36 5.14 25.46 18.94
CA ASN A 36 6.03 26.03 17.92
C ASN A 36 5.57 25.74 16.50
N ARG A 37 5.42 26.78 15.69
CA ARG A 37 5.01 26.63 14.30
C ARG A 37 6.21 26.60 13.36
N TYR A 38 6.18 25.68 12.40
CA TYR A 38 7.20 25.61 11.37
C TYR A 38 6.53 25.64 10.00
N MET A 39 7.30 26.02 8.98
CA MET A 39 6.83 25.90 7.60
C MET A 39 7.36 24.61 6.98
N ASP A 40 6.45 23.80 6.44
CA ASP A 40 6.83 22.55 5.81
C ASP A 40 7.32 22.83 4.40
N LEU A 41 8.63 22.74 4.20
CA LEU A 41 9.21 22.89 2.87
C LEU A 41 9.43 21.53 2.22
N LEU A 42 8.75 20.51 2.75
CA LEU A 42 8.91 19.14 2.27
C LEU A 42 7.62 18.63 1.66
N SER A 43 6.50 19.15 2.14
CA SER A 43 5.17 18.73 1.66
C SER A 43 5.01 17.23 1.79
N ALA A 44 5.49 16.68 2.89
CA ALA A 44 5.46 15.24 3.11
C ALA A 44 5.98 14.52 1.87
N TYR A 45 7.18 14.88 1.45
CA TYR A 45 7.78 14.34 0.24
C TYR A 45 6.84 14.49 -0.97
N SER A 46 6.21 15.66 -1.04
CA SER A 46 5.39 16.04 -2.19
C SER A 46 4.05 15.33 -2.24
N ALA A 47 3.43 15.15 -1.08
CA ALA A 47 2.11 14.54 -1.00
C ALA A 47 1.03 15.57 -0.70
N VAL A 48 1.41 16.65 0.00
CA VAL A 48 0.47 17.71 0.31
C VAL A 48 0.68 18.93 -0.58
N ASN A 49 0.72 18.70 -1.89
CA ASN A 49 0.80 19.79 -2.86
C ASN A 49 -0.32 20.79 -2.61
N GLN A 50 -1.44 20.28 -2.11
CA GLN A 50 -2.60 21.12 -1.84
C GLN A 50 -2.55 21.71 -0.44
N GLY A 51 -1.42 21.53 0.24
CA GLY A 51 -1.28 21.99 1.61
C GLY A 51 -1.80 20.94 2.58
N HIS A 52 -1.49 21.11 3.86
CA HIS A 52 -1.97 20.19 4.88
C HIS A 52 -3.45 20.40 5.17
N ARG A 53 -4.22 19.31 5.13
CA ARG A 53 -5.63 19.33 5.46
C ARG A 53 -6.39 20.44 4.73
N HIS A 54 -6.39 20.40 3.39
CA HIS A 54 -7.17 21.34 2.61
C HIS A 54 -8.65 21.11 2.93
N PRO A 55 -9.37 22.19 3.28
CA PRO A 55 -10.74 22.06 3.80
C PRO A 55 -11.68 21.30 2.86
N LYS A 56 -11.52 21.49 1.55
CA LYS A 56 -12.36 20.82 0.56
C LYS A 56 -12.03 19.33 0.44
N ILE A 57 -10.83 18.95 0.82
CA ILE A 57 -10.41 17.55 0.77
C ILE A 57 -10.81 16.83 2.05
N ILE A 58 -10.63 17.50 3.18
CA ILE A 58 -11.13 16.99 4.45
C ILE A 58 -12.64 16.88 4.40
N ASN A 59 -13.26 17.82 3.67
CA ASN A 59 -14.71 17.83 3.48
C ASN A 59 -15.19 16.63 2.69
N ALA A 60 -14.42 16.23 1.68
CA ALA A 60 -14.74 15.06 0.89
C ALA A 60 -14.53 13.78 1.70
N LEU A 61 -13.60 13.84 2.66
CA LEU A 61 -13.33 12.70 3.53
C LEU A 61 -14.54 12.42 4.41
N ILE A 62 -15.15 13.49 4.93
CA ILE A 62 -16.28 13.38 5.84
C ILE A 62 -17.54 12.93 5.10
N ASP A 63 -17.86 13.61 4.00
CA ASP A 63 -19.02 13.26 3.19
C ASP A 63 -19.03 11.77 2.86
N GLN A 64 -17.89 11.25 2.41
CA GLN A 64 -17.81 9.86 1.99
C GLN A 64 -17.74 8.92 3.18
N ALA A 65 -17.26 9.42 4.31
CA ALA A 65 -17.17 8.62 5.52
C ALA A 65 -18.54 8.44 6.19
N ASN A 66 -19.54 9.12 5.64
CA ASN A 66 -20.91 8.99 6.12
C ASN A 66 -21.78 8.15 5.18
N ARG A 67 -21.13 7.52 4.21
CA ARG A 67 -21.83 6.69 3.23
C ARG A 67 -21.25 5.29 3.33
N VAL A 68 -20.06 5.11 2.79
CA VAL A 68 -19.36 3.83 2.85
C VAL A 68 -17.89 4.02 2.51
N THR A 69 -17.02 3.28 3.21
CA THR A 69 -15.59 3.47 3.07
C THR A 69 -14.92 2.32 2.33
N LEU A 70 -15.31 1.09 2.67
CA LEU A 70 -14.74 -0.08 1.99
C LEU A 70 -15.79 -1.04 1.47
N THR A 71 -15.89 -1.09 0.15
CA THR A 71 -16.57 -2.18 -0.53
C THR A 71 -15.48 -2.99 -1.20
N SER A 72 -15.48 -4.30 -0.97
CA SER A 72 -14.52 -5.16 -1.63
C SER A 72 -14.63 -4.91 -3.12
N ARG A 73 -13.55 -5.13 -3.85
CA ARG A 73 -13.60 -4.99 -5.30
C ARG A 73 -14.49 -6.09 -5.90
N ALA A 74 -15.02 -6.93 -5.04
CA ALA A 74 -16.03 -7.91 -5.44
C ALA A 74 -17.34 -7.23 -5.81
N PHE A 75 -17.44 -5.94 -5.49
CA PHE A 75 -18.62 -5.16 -5.82
C PHE A 75 -18.21 -3.75 -6.25
N HIS A 76 -19.13 -3.05 -6.90
CA HIS A 76 -18.88 -1.68 -7.33
C HIS A 76 -19.07 -0.68 -6.19
N SER A 77 -18.41 0.47 -6.31
CA SER A 77 -18.72 1.64 -5.49
C SER A 77 -19.21 2.72 -6.45
N ASP A 78 -19.83 3.77 -5.92
CA ASP A 78 -20.32 4.84 -6.77
C ASP A 78 -19.31 5.98 -6.91
N GLN A 79 -18.10 5.76 -6.40
CA GLN A 79 -17.04 6.77 -6.47
C GLN A 79 -15.95 6.40 -7.46
N LEU A 80 -15.74 5.10 -7.67
CA LEU A 80 -14.66 4.63 -8.54
C LEU A 80 -14.85 5.12 -9.97
N GLY A 81 -16.06 4.97 -10.50
CA GLY A 81 -16.36 5.39 -11.85
C GLY A 81 -15.96 6.83 -12.13
N PRO A 82 -16.59 7.77 -11.41
CA PRO A 82 -16.27 9.21 -11.57
C PRO A 82 -14.78 9.50 -11.42
N TRP A 83 -14.11 8.75 -10.55
CA TRP A 83 -12.68 8.93 -10.32
C TRP A 83 -11.88 8.47 -11.53
N TYR A 84 -12.18 7.27 -12.03
CA TYR A 84 -11.58 6.77 -13.26
C TYR A 84 -11.62 7.87 -14.32
N GLU A 85 -12.82 8.40 -14.53
CA GLU A 85 -13.08 9.39 -15.57
C GLU A 85 -12.23 10.64 -15.40
N LYS A 86 -12.14 11.12 -14.16
CA LYS A 86 -11.41 12.35 -13.87
C LYS A 86 -9.91 12.16 -14.08
N VAL A 87 -9.43 10.94 -13.85
CA VAL A 87 -8.02 10.62 -14.05
C VAL A 87 -7.72 10.32 -15.52
N ALA A 88 -8.69 9.72 -16.20
CA ALA A 88 -8.55 9.43 -17.63
C ALA A 88 -8.48 10.73 -18.43
N LYS A 89 -9.30 11.69 -18.04
CA LYS A 89 -9.36 12.99 -18.71
C LYS A 89 -8.10 13.80 -18.43
N LEU A 90 -7.53 13.62 -17.24
CA LEU A 90 -6.34 14.35 -16.83
C LEU A 90 -5.11 13.79 -17.54
N THR A 91 -5.05 12.48 -17.65
CA THR A 91 -3.93 11.80 -18.31
C THR A 91 -4.15 11.68 -19.80
N ASN A 92 -5.40 11.81 -20.23
CA ASN A 92 -5.76 11.59 -21.63
C ASN A 92 -5.40 10.16 -22.02
N LYS A 93 -5.64 9.23 -21.11
CA LYS A 93 -5.39 7.82 -21.34
C LYS A 93 -6.68 7.03 -21.22
N GLU A 94 -6.74 5.87 -21.87
CA GLU A 94 -7.98 5.13 -21.99
C GLU A 94 -8.43 4.39 -20.72
N MET A 95 -7.50 3.76 -20.02
CA MET A 95 -7.86 3.10 -18.76
C MET A 95 -6.92 3.38 -17.60
N VAL A 96 -7.45 3.20 -16.40
CA VAL A 96 -6.73 3.48 -15.16
C VAL A 96 -6.83 2.27 -14.24
N LEU A 97 -5.77 2.02 -13.47
CA LEU A 97 -5.75 0.88 -12.55
C LEU A 97 -5.32 1.35 -11.16
N PRO A 98 -6.27 1.33 -10.21
CA PRO A 98 -6.03 1.92 -8.89
C PRO A 98 -5.25 1.02 -7.93
N MET A 99 -4.36 1.65 -7.16
CA MET A 99 -3.67 0.97 -6.07
C MET A 99 -3.72 1.89 -4.86
N ASN A 100 -2.91 1.60 -3.85
CA ASN A 100 -2.90 2.40 -2.63
C ASN A 100 -1.61 3.23 -2.49
N THR A 101 -0.47 2.59 -2.72
CA THR A 101 0.82 3.26 -2.57
C THR A 101 1.57 3.33 -3.89
N GLY A 102 2.58 4.20 -3.95
CA GLY A 102 3.39 4.36 -5.14
C GLY A 102 4.08 3.07 -5.53
N ALA A 103 4.70 2.43 -4.54
CA ALA A 103 5.38 1.15 -4.75
C ALA A 103 4.43 0.16 -5.41
N GLU A 104 3.17 0.16 -4.97
CA GLU A 104 2.17 -0.73 -5.54
C GLU A 104 1.89 -0.39 -6.99
N ALA A 105 1.78 0.90 -7.30
CA ALA A 105 1.54 1.34 -8.66
C ALA A 105 2.75 1.03 -9.56
N VAL A 106 3.94 1.04 -8.95
CA VAL A 106 5.15 0.68 -9.67
C VAL A 106 5.19 -0.83 -9.92
N GLU A 107 4.84 -1.60 -8.89
CA GLU A 107 4.77 -3.05 -9.02
C GLU A 107 3.77 -3.40 -10.11
N THR A 108 2.66 -2.66 -10.15
CA THR A 108 1.65 -2.82 -11.19
C THR A 108 2.26 -2.57 -12.57
N ALA A 109 3.06 -1.51 -12.67
CA ALA A 109 3.71 -1.15 -13.91
C ALA A 109 4.64 -2.28 -14.37
N ILE A 110 5.40 -2.82 -13.43
CA ILE A 110 6.30 -3.94 -13.70
C ILE A 110 5.53 -5.09 -14.35
N LYS A 111 4.45 -5.50 -13.70
CA LYS A 111 3.66 -6.63 -14.16
C LYS A 111 3.04 -6.34 -15.53
N THR A 112 2.62 -5.10 -15.74
CA THR A 112 2.01 -4.70 -16.99
C THR A 112 3.01 -4.78 -18.14
N ALA A 113 4.15 -4.13 -17.95
CA ALA A 113 5.20 -4.08 -18.97
C ALA A 113 5.57 -5.49 -19.45
N ARG A 114 5.79 -6.38 -18.49
CA ARG A 114 6.21 -7.75 -18.80
C ARG A 114 5.11 -8.50 -19.54
N ARG A 115 3.90 -8.44 -19.05
CA ARG A 115 2.82 -9.13 -19.71
C ARG A 115 2.62 -8.58 -21.10
N TRP A 116 2.78 -7.29 -21.28
CA TRP A 116 2.65 -6.69 -22.60
C TRP A 116 3.82 -7.12 -23.49
N ALA A 117 5.00 -7.26 -22.90
CA ALA A 117 6.17 -7.66 -23.64
C ALA A 117 6.03 -9.10 -24.14
N TYR A 118 5.38 -9.94 -23.34
CA TYR A 118 5.15 -11.34 -23.71
C TYR A 118 3.94 -11.47 -24.62
N ASP A 119 2.81 -10.93 -24.17
CA ASP A 119 1.54 -11.10 -24.89
C ASP A 119 1.51 -10.32 -26.20
N VAL A 120 1.93 -9.07 -26.16
CA VAL A 120 1.84 -8.20 -27.32
C VAL A 120 3.14 -8.16 -28.12
N LYS A 121 4.24 -7.78 -27.47
CA LYS A 121 5.53 -7.71 -28.15
C LYS A 121 6.04 -9.11 -28.48
N LYS A 122 5.57 -10.09 -27.72
CA LYS A 122 5.90 -11.49 -27.98
C LYS A 122 7.37 -11.77 -27.67
N VAL A 123 7.90 -11.13 -26.64
CA VAL A 123 9.26 -11.39 -26.20
C VAL A 123 9.38 -12.82 -25.69
N GLU A 124 10.61 -13.32 -25.61
CA GLU A 124 10.85 -14.70 -25.20
C GLU A 124 10.44 -14.90 -23.74
N ALA A 125 9.76 -16.01 -23.47
CA ALA A 125 9.19 -16.28 -22.15
C ALA A 125 10.23 -16.15 -21.04
N ASN A 126 9.82 -15.49 -19.95
CA ASN A 126 10.68 -15.29 -18.79
C ASN A 126 12.04 -14.67 -19.14
N ARG A 127 12.07 -13.85 -20.19
CA ARG A 127 13.31 -13.19 -20.60
C ARG A 127 13.10 -11.68 -20.77
N ALA A 128 11.98 -11.19 -20.28
CA ALA A 128 11.62 -9.79 -20.42
C ALA A 128 12.53 -8.90 -19.59
N GLU A 129 12.95 -7.79 -20.17
CA GLU A 129 13.86 -6.85 -19.51
C GLU A 129 13.20 -5.50 -19.25
N ILE A 130 13.73 -4.78 -18.27
CA ILE A 130 13.24 -3.45 -17.93
C ILE A 130 14.42 -2.53 -17.62
N ILE A 131 14.46 -1.39 -18.31
CA ILE A 131 15.54 -0.43 -18.13
C ILE A 131 15.17 0.59 -17.06
N VAL A 132 16.08 0.85 -16.14
CA VAL A 132 15.89 1.88 -15.13
C VAL A 132 17.15 2.74 -15.01
N CYS A 133 17.06 3.79 -14.19
CA CYS A 133 18.14 4.77 -14.11
C CYS A 133 18.85 4.78 -12.76
N GLU A 134 20.13 5.10 -12.79
CA GLU A 134 20.96 5.16 -11.59
C GLU A 134 20.44 6.24 -10.63
N ASP A 135 20.35 5.88 -9.36
CA ASP A 135 19.92 6.80 -8.30
C ASP A 135 18.41 6.98 -8.28
N ASN A 136 17.70 6.07 -8.94
CA ASN A 136 16.25 6.09 -8.95
C ASN A 136 15.69 5.66 -7.61
N PHE A 137 14.57 6.26 -7.21
CA PHE A 137 13.77 5.74 -6.11
C PHE A 137 12.38 5.43 -6.62
N HIS A 138 12.01 4.15 -6.62
CA HIS A 138 10.72 3.72 -7.14
C HIS A 138 9.87 3.04 -6.08
N GLY A 139 10.45 2.78 -4.91
CA GLY A 139 9.71 2.19 -3.82
C GLY A 139 10.52 1.27 -2.92
N ARG A 140 9.81 0.52 -2.07
CA ARG A 140 10.45 -0.32 -1.06
C ARG A 140 10.07 -1.79 -1.21
N THR A 141 8.96 -2.06 -1.89
CA THR A 141 8.56 -3.44 -2.15
C THR A 141 9.64 -4.12 -2.98
N MET A 142 9.63 -5.45 -3.01
CA MET A 142 10.73 -6.21 -3.59
C MET A 142 10.99 -5.85 -5.05
N GLY A 143 9.93 -5.59 -5.81
CA GLY A 143 10.09 -5.20 -7.20
C GLY A 143 10.74 -3.84 -7.34
N ALA A 144 10.19 -2.86 -6.63
CA ALA A 144 10.73 -1.50 -6.64
C ALA A 144 12.17 -1.49 -6.13
N VAL A 145 12.40 -2.12 -4.99
CA VAL A 145 13.72 -2.17 -4.39
C VAL A 145 14.73 -2.83 -5.33
N SER A 146 14.26 -3.84 -6.05
CA SER A 146 15.11 -4.54 -7.01
C SER A 146 15.61 -3.60 -8.11
N MET A 147 14.93 -2.46 -8.26
CA MET A 147 15.29 -1.49 -9.29
C MET A 147 16.33 -0.48 -8.81
N SER A 148 16.61 -0.49 -7.51
CA SER A 148 17.52 0.49 -6.91
C SER A 148 18.95 0.27 -7.37
N SER A 149 19.69 1.37 -7.48
CA SER A 149 21.13 1.31 -7.76
C SER A 149 21.90 1.65 -6.50
N ASN A 150 21.17 1.78 -5.39
CA ASN A 150 21.76 2.01 -4.08
C ASN A 150 21.83 0.69 -3.32
N GLU A 151 23.03 0.24 -3.00
CA GLU A 151 23.23 -1.08 -2.43
C GLU A 151 22.78 -1.17 -0.97
N GLU A 152 22.54 -0.03 -0.34
CA GLU A 152 22.11 0.00 1.05
C GLU A 152 20.64 -0.34 1.21
N TYR A 153 19.85 -0.01 0.19
CA TYR A 153 18.44 -0.37 0.18
C TYR A 153 18.27 -1.84 -0.23
N LYS A 154 19.37 -2.47 -0.62
CA LYS A 154 19.31 -3.83 -1.16
C LYS A 154 20.12 -4.83 -0.34
N ARG A 155 20.88 -4.34 0.63
CA ARG A 155 21.78 -5.20 1.38
C ARG A 155 21.03 -6.27 2.17
N GLY A 156 21.36 -7.53 1.90
CA GLY A 156 20.83 -8.64 2.67
C GLY A 156 19.35 -8.90 2.48
N PHE A 157 18.82 -8.50 1.34
CA PHE A 157 17.41 -8.74 1.03
C PHE A 157 17.26 -9.85 -0.01
N GLY A 158 18.12 -10.86 0.09
CA GLY A 158 18.00 -12.08 -0.68
C GLY A 158 18.13 -11.88 -2.18
N PRO A 159 17.88 -12.95 -2.95
CA PRO A 159 17.93 -12.87 -4.40
C PRO A 159 17.00 -11.77 -4.90
N MET A 160 17.53 -10.83 -5.67
CA MET A 160 16.73 -9.73 -6.19
C MET A 160 15.95 -10.16 -7.43
N LEU A 161 14.89 -9.42 -7.73
CA LEU A 161 14.05 -9.72 -8.88
C LEU A 161 14.85 -9.58 -10.17
N PRO A 162 14.92 -10.66 -10.97
CA PRO A 162 15.70 -10.64 -12.21
C PRO A 162 15.02 -9.86 -13.34
N GLY A 163 15.80 -9.49 -14.34
CA GLY A 163 15.28 -8.83 -15.53
C GLY A 163 15.29 -7.32 -15.45
N ILE A 164 16.23 -6.78 -14.69
CA ILE A 164 16.33 -5.33 -14.53
C ILE A 164 17.72 -4.84 -14.92
N ILE A 165 17.76 -3.85 -15.82
CA ILE A 165 19.01 -3.28 -16.30
C ILE A 165 19.08 -1.80 -15.91
N VAL A 166 20.28 -1.35 -15.55
CA VAL A 166 20.46 0.01 -15.05
C VAL A 166 21.41 0.81 -15.93
N ILE A 167 20.98 2.01 -16.32
CA ILE A 167 21.80 2.92 -17.10
C ILE A 167 21.90 4.27 -16.41
N PRO A 168 22.90 5.08 -16.78
CA PRO A 168 23.01 6.44 -16.25
C PRO A 168 21.74 7.24 -16.54
N TYR A 169 21.52 8.30 -15.76
CA TYR A 169 20.35 9.15 -15.94
C TYR A 169 20.64 10.22 -16.98
N GLY A 170 19.63 10.55 -17.78
CA GLY A 170 19.77 11.55 -18.82
C GLY A 170 20.80 11.17 -19.87
N ASP A 171 20.96 9.87 -20.10
CA ASP A 171 21.94 9.37 -21.06
C ASP A 171 21.24 8.70 -22.24
N LEU A 172 20.98 9.48 -23.28
CA LEU A 172 20.28 8.99 -24.45
C LEU A 172 21.02 7.82 -25.09
N GLU A 173 22.35 7.93 -25.15
CA GLU A 173 23.18 6.89 -25.78
C GLU A 173 23.17 5.60 -24.98
N ALA A 174 23.28 5.70 -23.66
CA ALA A 174 23.26 4.53 -22.80
C ALA A 174 21.98 3.73 -23.05
N LEU A 175 20.85 4.43 -23.03
CA LEU A 175 19.56 3.83 -23.32
C LEU A 175 19.61 3.03 -24.62
N LYS A 176 20.00 3.69 -25.69
CA LYS A 176 20.09 3.07 -27.01
C LYS A 176 20.83 1.74 -26.96
N ALA A 177 21.97 1.73 -26.27
CA ALA A 177 22.83 0.55 -26.20
C ALA A 177 22.21 -0.56 -25.37
N ALA A 178 21.41 -0.19 -24.38
CA ALA A 178 20.88 -1.14 -23.41
C ALA A 178 19.64 -1.89 -23.91
N ILE A 179 18.99 -1.34 -24.94
CA ILE A 179 17.77 -1.94 -25.45
C ILE A 179 18.06 -3.18 -26.30
N THR A 180 17.37 -4.27 -25.99
CA THR A 180 17.46 -5.50 -26.77
C THR A 180 16.05 -5.88 -27.20
N PRO A 181 15.92 -6.89 -28.08
CA PRO A 181 14.58 -7.26 -28.53
C PRO A 181 13.68 -7.80 -27.42
N ASN A 182 14.26 -8.09 -26.26
CA ASN A 182 13.49 -8.59 -25.13
C ASN A 182 13.08 -7.49 -24.14
N THR A 183 13.55 -6.28 -24.39
CA THR A 183 13.27 -5.16 -23.50
C THR A 183 11.79 -4.78 -23.54
N ALA A 184 11.15 -4.84 -22.38
CA ALA A 184 9.73 -4.52 -22.26
C ALA A 184 9.52 -3.01 -22.17
N ALA A 185 10.10 -2.39 -21.15
CA ALA A 185 9.84 -0.97 -20.89
C ALA A 185 11.06 -0.22 -20.36
N PHE A 186 10.92 1.10 -20.29
CA PHE A 186 11.94 1.98 -19.76
C PHE A 186 11.31 2.91 -18.72
N ILE A 187 11.60 2.66 -17.45
CA ILE A 187 10.94 3.38 -16.37
C ILE A 187 11.88 4.42 -15.75
N LEU A 188 11.45 5.69 -15.79
CA LEU A 188 12.27 6.77 -15.26
C LEU A 188 11.41 7.87 -14.63
N GLU A 189 12.05 8.65 -13.75
CA GLU A 189 11.44 9.85 -13.19
C GLU A 189 11.79 11.03 -14.08
N PRO A 190 10.78 11.79 -14.53
CA PRO A 190 11.07 12.95 -15.38
C PRO A 190 12.09 13.86 -14.69
N ILE A 191 12.06 13.85 -13.36
CA ILE A 191 13.11 14.45 -12.56
C ILE A 191 13.34 13.55 -11.34
N GLN A 192 14.59 13.18 -11.09
CA GLN A 192 14.91 12.31 -9.97
C GLN A 192 14.84 13.07 -8.66
N GLY A 193 13.88 12.70 -7.83
CA GLY A 193 13.66 13.37 -6.55
C GLY A 193 14.78 13.13 -5.55
N GLU A 194 14.86 11.90 -5.05
CA GLU A 194 15.80 11.58 -3.98
C GLU A 194 17.26 11.71 -4.41
N ALA A 195 17.51 11.60 -5.72
CA ALA A 195 18.86 11.72 -6.25
C ALA A 195 19.37 13.16 -6.22
N GLY A 196 18.52 14.06 -5.74
CA GLY A 196 18.90 15.45 -5.56
C GLY A 196 18.29 16.40 -6.56
N ILE A 197 17.00 16.24 -6.82
CA ILE A 197 16.28 17.09 -7.76
C ILE A 197 17.11 17.35 -9.01
N ASN A 198 17.65 16.30 -9.62
CA ASN A 198 18.44 16.48 -10.84
C ASN A 198 17.59 16.35 -12.11
N ILE A 199 17.58 17.43 -12.88
CA ILE A 199 16.75 17.54 -14.07
C ILE A 199 17.52 17.03 -15.28
N PRO A 200 16.85 16.31 -16.19
CA PRO A 200 17.54 15.83 -17.38
C PRO A 200 17.69 16.95 -18.41
N PRO A 201 18.64 16.83 -19.32
CA PRO A 201 18.82 17.88 -20.34
C PRO A 201 17.52 18.16 -21.08
N ALA A 202 17.34 19.40 -21.52
CA ALA A 202 16.11 19.80 -22.19
C ALA A 202 15.82 18.92 -23.41
N GLY A 203 14.57 18.49 -23.53
CA GLY A 203 14.14 17.69 -24.66
C GLY A 203 14.61 16.24 -24.58
N PHE A 204 15.29 15.88 -23.50
CA PHE A 204 15.77 14.52 -23.32
C PHE A 204 14.62 13.52 -23.32
N LEU A 205 13.54 13.86 -22.64
CA LEU A 205 12.38 12.98 -22.55
C LEU A 205 11.73 12.78 -23.92
N LYS A 206 11.68 13.84 -24.71
CA LYS A 206 11.11 13.75 -26.04
C LYS A 206 11.95 12.85 -26.93
N GLU A 207 13.27 12.92 -26.77
CA GLU A 207 14.19 12.09 -27.54
C GLU A 207 14.10 10.65 -27.08
N ALA A 208 14.13 10.44 -25.76
CA ALA A 208 14.04 9.10 -25.20
C ALA A 208 12.73 8.43 -25.64
N LEU A 209 11.65 9.18 -25.59
CA LEU A 209 10.34 8.67 -26.00
C LEU A 209 10.41 8.15 -27.43
N GLU A 210 11.04 8.92 -28.31
CA GLU A 210 11.18 8.52 -29.71
C GLU A 210 11.99 7.24 -29.83
N VAL A 211 13.14 7.20 -29.17
CA VAL A 211 13.97 6.01 -29.15
C VAL A 211 13.13 4.81 -28.74
N CYS A 212 12.18 5.02 -27.85
CA CYS A 212 11.32 3.96 -27.35
C CYS A 212 10.26 3.55 -28.39
N LYS A 213 9.66 4.54 -29.04
CA LYS A 213 8.62 4.26 -30.03
C LYS A 213 9.18 3.47 -31.22
N LYS A 214 10.39 3.82 -31.63
CA LYS A 214 11.03 3.17 -32.78
C LYS A 214 11.51 1.77 -32.44
N GLU A 215 11.60 1.46 -31.15
CA GLU A 215 12.02 0.14 -30.69
C GLU A 215 10.85 -0.65 -30.11
N ASN A 216 9.65 -0.08 -30.21
CA ASN A 216 8.46 -0.68 -29.62
C ASN A 216 8.70 -1.04 -28.15
N VAL A 217 9.18 -0.06 -27.40
CA VAL A 217 9.41 -0.22 -25.97
C VAL A 217 8.55 0.78 -25.20
N LEU A 218 7.91 0.31 -24.13
CA LEU A 218 7.05 1.17 -23.34
C LEU A 218 7.84 2.24 -22.60
N PHE A 219 7.42 3.49 -22.76
CA PHE A 219 8.04 4.61 -22.07
C PHE A 219 7.22 4.93 -20.82
N VAL A 220 7.64 4.38 -19.69
CA VAL A 220 6.90 4.54 -18.44
C VAL A 220 7.53 5.64 -17.59
N ALA A 221 6.73 6.67 -17.29
CA ALA A 221 7.20 7.79 -16.49
C ALA A 221 6.65 7.72 -15.07
N ASP A 222 7.55 7.64 -14.10
CA ASP A 222 7.16 7.63 -12.69
C ASP A 222 6.96 9.06 -12.21
N GLU A 223 5.69 9.48 -12.18
CA GLU A 223 5.36 10.86 -11.80
C GLU A 223 4.72 10.91 -10.43
N ILE A 224 5.07 9.95 -9.58
CA ILE A 224 4.52 9.88 -8.22
C ILE A 224 4.90 11.10 -7.39
N GLN A 225 6.11 11.61 -7.62
CA GLN A 225 6.55 12.80 -6.93
C GLN A 225 6.49 14.07 -7.77
N THR A 226 6.83 13.96 -9.06
CA THR A 226 6.89 15.12 -9.94
C THR A 226 5.54 15.56 -10.47
N GLY A 227 4.58 14.64 -10.50
CA GLY A 227 3.29 14.89 -11.12
C GLY A 227 2.40 15.87 -10.36
N LEU A 228 1.24 16.16 -10.94
CA LEU A 228 0.20 16.96 -10.28
C LEU A 228 0.66 18.34 -9.80
N GLY A 229 1.31 19.09 -10.68
CA GLY A 229 1.58 20.50 -10.42
C GLY A 229 2.83 20.80 -9.63
N ARG A 230 3.49 19.77 -9.13
CA ARG A 230 4.70 19.96 -8.32
C ARG A 230 5.75 20.75 -9.11
N THR A 231 5.93 20.42 -10.38
CA THR A 231 6.99 21.01 -11.18
C THR A 231 6.50 22.17 -12.06
N GLY A 232 5.34 22.73 -11.71
CA GLY A 232 4.80 23.87 -12.42
C GLY A 232 3.90 23.48 -13.58
N LYS A 233 3.85 22.18 -13.87
CA LYS A 233 2.98 21.66 -14.92
C LYS A 233 2.25 20.43 -14.40
N VAL A 234 1.10 20.11 -15.02
CA VAL A 234 0.30 18.98 -14.56
C VAL A 234 1.18 17.74 -14.45
N PHE A 235 2.03 17.54 -15.46
CA PHE A 235 3.01 16.46 -15.44
C PHE A 235 4.37 17.02 -15.82
N ALA A 236 5.43 16.40 -15.31
CA ALA A 236 6.79 16.87 -15.58
C ALA A 236 7.20 16.56 -17.02
N CYS A 237 6.54 15.59 -17.63
CA CYS A 237 6.77 15.27 -19.03
C CYS A 237 6.35 16.44 -19.91
N ASP A 238 5.40 17.23 -19.43
CA ASP A 238 4.88 18.36 -20.18
C ASP A 238 5.94 19.39 -20.53
N TRP A 239 7.08 19.35 -19.83
CA TRP A 239 8.17 20.27 -20.11
C TRP A 239 8.79 19.97 -21.47
N ASP A 240 8.78 18.71 -21.86
CA ASP A 240 9.26 18.31 -23.18
C ASP A 240 8.08 17.93 -24.08
N ASN A 241 6.89 18.39 -23.70
CA ASN A 241 5.67 18.08 -24.45
C ASN A 241 5.57 16.59 -24.75
N VAL A 242 5.89 15.77 -23.75
CA VAL A 242 5.88 14.32 -23.91
C VAL A 242 4.65 13.68 -23.30
N THR A 243 4.03 12.79 -24.06
CA THR A 243 3.00 11.91 -23.51
C THR A 243 3.57 10.51 -23.40
N PRO A 244 3.74 10.01 -22.17
CA PRO A 244 4.35 8.70 -21.97
C PRO A 244 3.39 7.57 -22.32
N ASP A 245 3.94 6.39 -22.62
CA ASP A 245 3.10 5.22 -22.85
C ASP A 245 2.29 4.91 -21.60
N MET A 246 2.82 5.29 -20.44
CA MET A 246 2.13 5.09 -19.18
C MET A 246 2.60 6.05 -18.10
N TYR A 247 1.64 6.62 -17.38
CA TYR A 247 1.94 7.42 -16.19
C TYR A 247 1.85 6.54 -14.96
N ILE A 248 2.67 6.85 -13.95
CA ILE A 248 2.49 6.30 -12.61
C ILE A 248 2.32 7.47 -11.64
N LEU A 249 1.19 7.50 -10.96
CA LEU A 249 0.86 8.62 -10.10
C LEU A 249 0.68 8.18 -8.65
N GLY A 250 0.78 9.13 -7.72
CA GLY A 250 0.58 8.83 -6.31
C GLY A 250 0.74 10.05 -5.42
N ALA A 252 0.39 12.98 -3.95
CA ALA A 252 -0.56 14.08 -3.92
C ALA A 252 -1.90 13.73 -4.54
N LEU A 253 -1.97 12.59 -5.21
CA LEU A 253 -3.23 12.14 -5.82
C LEU A 253 -4.35 12.11 -4.79
N GLY A 254 -3.98 11.98 -3.52
CA GLY A 254 -4.95 11.93 -2.43
C GLY A 254 -4.85 13.11 -1.48
N GLY A 255 -4.04 14.09 -1.83
CA GLY A 255 -3.92 15.30 -1.03
C GLY A 255 -3.34 15.07 0.35
N GLY A 256 -2.63 13.97 0.52
CA GLY A 256 -2.03 13.64 1.80
C GLY A 256 -3.06 13.27 2.86
N VAL A 257 -4.29 13.02 2.41
CA VAL A 257 -5.38 12.66 3.32
C VAL A 257 -5.65 11.16 3.29
N PHE A 258 -5.42 10.54 2.13
CA PHE A 258 -5.64 9.11 1.97
C PHE A 258 -4.70 8.59 0.89
N PRO A 259 -3.97 7.50 1.20
CA PRO A 259 -3.00 6.95 0.23
C PRO A 259 -3.68 6.32 -0.97
N ILE A 260 -3.54 6.96 -2.13
CA ILE A 260 -4.08 6.42 -3.37
C ILE A 260 -3.10 6.65 -4.52
N SER A 261 -3.03 5.69 -5.43
CA SER A 261 -2.11 5.75 -6.55
C SER A 261 -2.74 5.07 -7.76
N CYS A 262 -2.07 5.13 -8.91
CA CYS A 262 -2.63 4.51 -10.11
C CYS A 262 -1.62 4.40 -11.26
N ALA A 263 -1.92 3.51 -12.18
CA ALA A 263 -1.18 3.39 -13.43
C ALA A 263 -2.13 3.75 -14.57
N ALA A 264 -1.71 4.68 -15.43
CA ALA A 264 -2.56 5.14 -16.52
C ALA A 264 -1.95 4.82 -17.88
N ALA A 265 -2.73 4.15 -18.71
CA ALA A 265 -2.31 3.80 -20.06
C ALA A 265 -3.53 3.47 -20.92
N ASN A 266 -3.31 3.31 -22.21
CA ASN A 266 -4.40 2.95 -23.13
C ASN A 266 -4.67 1.45 -23.08
N ARG A 267 -5.79 1.05 -23.68
CA ARG A 267 -6.27 -0.33 -23.58
C ARG A 267 -5.32 -1.34 -24.19
N ASP A 268 -4.51 -0.91 -25.15
CA ASP A 268 -3.52 -1.79 -25.77
C ASP A 268 -2.39 -2.13 -24.81
N ILE A 269 -2.47 -1.62 -23.59
CA ILE A 269 -1.44 -1.85 -22.59
C ILE A 269 -1.98 -2.40 -21.27
N LEU A 270 -3.02 -1.75 -20.73
CA LEU A 270 -3.63 -2.20 -19.48
C LEU A 270 -4.73 -3.20 -19.78
N GLY A 271 -5.22 -3.20 -21.02
CA GLY A 271 -6.19 -4.19 -21.45
C GLY A 271 -5.63 -5.59 -21.26
N VAL A 272 -4.32 -5.65 -21.07
CA VAL A 272 -3.61 -6.90 -20.82
C VAL A 272 -4.20 -7.65 -19.61
N PHE A 273 -4.75 -6.92 -18.65
CA PHE A 273 -5.26 -7.53 -17.43
C PHE A 273 -6.69 -8.01 -17.57
N GLU A 274 -6.88 -9.33 -17.55
CA GLU A 274 -8.21 -9.90 -17.48
C GLU A 274 -8.56 -10.08 -16.01
N PRO A 275 -9.87 -10.28 -15.71
CA PRO A 275 -10.31 -10.33 -14.31
C PRO A 275 -9.61 -11.42 -13.49
N GLY A 276 -9.08 -11.03 -12.34
CA GLY A 276 -8.47 -11.98 -11.42
C GLY A 276 -6.95 -12.00 -11.46
N SER A 277 -6.38 -11.28 -12.42
CA SER A 277 -4.92 -11.29 -12.63
C SER A 277 -4.17 -10.36 -11.70
N HIS A 278 -4.88 -9.37 -11.14
CA HIS A 278 -4.24 -8.38 -10.28
C HIS A 278 -5.28 -7.71 -9.39
N GLY A 279 -4.83 -6.93 -8.42
CA GLY A 279 -5.75 -6.22 -7.55
C GLY A 279 -5.18 -5.96 -6.16
N SER A 280 -6.05 -5.51 -5.26
CA SER A 280 -5.67 -5.27 -3.87
C SER A 280 -6.94 -4.95 -3.10
N THR A 281 -6.95 -5.24 -1.81
CA THR A 281 -8.15 -5.10 -0.97
C THR A 281 -8.66 -3.65 -0.96
N PHE A 282 -7.78 -2.71 -0.61
CA PHE A 282 -8.18 -1.32 -0.45
C PHE A 282 -8.03 -0.49 -1.72
N GLY A 283 -7.39 -1.06 -2.73
CA GLY A 283 -7.16 -0.35 -3.98
C GLY A 283 -8.43 0.09 -4.66
N GLY A 284 -8.64 1.40 -4.74
CA GLY A 284 -9.78 1.96 -5.44
C GLY A 284 -11.04 2.01 -4.60
N ASN A 285 -10.89 1.94 -3.28
CA ASN A 285 -12.04 2.01 -2.38
C ASN A 285 -12.71 3.37 -2.48
N PRO A 286 -14.01 3.42 -2.18
CA PRO A 286 -14.80 4.66 -2.35
C PRO A 286 -14.27 5.84 -1.54
N LEU A 287 -13.62 5.56 -0.42
CA LEU A 287 -13.13 6.63 0.44
C LEU A 287 -11.91 7.31 -0.17
N ALA A 288 -10.97 6.51 -0.66
CA ALA A 288 -9.79 7.04 -1.35
C ALA A 288 -10.21 7.78 -2.62
N CYS A 289 -11.23 7.25 -3.29
CA CYS A 289 -11.71 7.82 -4.54
C CYS A 289 -12.36 9.19 -4.34
N ALA A 290 -13.25 9.28 -3.35
CA ALA A 290 -13.91 10.55 -3.04
C ALA A 290 -12.86 11.60 -2.68
N VAL A 291 -11.86 11.19 -1.91
CA VAL A 291 -10.80 12.08 -1.46
C VAL A 291 -9.90 12.51 -2.62
N SER A 292 -9.56 11.57 -3.49
CA SER A 292 -8.73 11.87 -4.64
C SER A 292 -9.43 12.80 -5.62
N ILE A 293 -10.73 12.62 -5.79
CA ILE A 293 -11.51 13.47 -6.68
C ILE A 293 -11.49 14.92 -6.19
N ALA A 294 -11.61 15.11 -4.88
CA ALA A 294 -11.54 16.44 -4.30
C ALA A 294 -10.13 16.99 -4.42
N ALA A 295 -9.15 16.10 -4.29
CA ALA A 295 -7.74 16.49 -4.38
C ALA A 295 -7.43 17.07 -5.76
N LEU A 296 -8.02 16.49 -6.80
CA LEU A 296 -7.77 16.92 -8.17
C LEU A 296 -8.55 18.20 -8.50
N GLU A 297 -9.76 18.31 -7.93
CA GLU A 297 -10.58 19.50 -8.15
C GLU A 297 -9.88 20.73 -7.56
N VAL A 298 -9.28 20.55 -6.40
CA VAL A 298 -8.57 21.64 -5.74
C VAL A 298 -7.39 22.11 -6.59
N LEU A 299 -6.67 21.15 -7.16
CA LEU A 299 -5.52 21.44 -8.01
C LEU A 299 -5.87 22.41 -9.13
N GLU A 300 -6.93 22.11 -9.86
CA GLU A 300 -7.32 22.89 -11.04
C GLU A 300 -8.11 24.15 -10.70
N GLU A 301 -9.06 24.03 -9.78
CA GLU A 301 -9.90 25.16 -9.41
C GLU A 301 -9.08 26.31 -8.83
N GLU A 302 -8.05 25.97 -8.07
CA GLU A 302 -7.19 26.98 -7.47
C GLU A 302 -5.94 27.21 -8.30
N LYS A 303 -5.88 26.56 -9.46
CA LYS A 303 -4.79 26.74 -10.41
C LYS A 303 -3.42 26.62 -9.74
N LEU A 304 -3.25 25.57 -8.95
CA LEU A 304 -2.00 25.37 -8.21
C LEU A 304 -0.84 25.06 -9.15
N THR A 305 -1.14 24.51 -10.31
CA THR A 305 -0.12 24.18 -11.30
C THR A 305 0.62 25.44 -11.76
N GLU A 306 -0.16 26.48 -12.08
CA GLU A 306 0.40 27.75 -12.52
C GLU A 306 0.98 28.52 -11.34
N ARG A 307 0.31 28.45 -10.20
CA ARG A 307 0.79 29.11 -8.99
C ARG A 307 2.14 28.54 -8.57
N SER A 308 2.38 27.28 -8.90
CA SER A 308 3.65 26.63 -8.62
C SER A 308 4.70 27.04 -9.64
N LEU A 309 4.28 27.15 -10.90
CA LEU A 309 5.15 27.53 -11.99
C LEU A 309 5.75 28.92 -11.80
N GLN A 310 4.90 29.87 -11.39
CA GLN A 310 5.31 31.26 -11.26
C GLN A 310 6.13 31.53 -10.00
N LEU A 311 5.68 31.00 -8.87
CA LEU A 311 6.39 31.20 -7.62
C LEU A 311 7.71 30.42 -7.64
N GLY A 312 7.70 29.28 -8.31
CA GLY A 312 8.89 28.46 -8.42
C GLY A 312 9.98 29.16 -9.22
N GLU A 313 9.57 29.80 -10.32
CA GLU A 313 10.51 30.54 -11.16
C GLU A 313 11.05 31.75 -10.40
N LYS A 314 10.16 32.42 -9.68
CA LYS A 314 10.55 33.60 -8.91
C LYS A 314 11.57 33.23 -7.83
N LEU A 315 11.31 32.15 -7.11
CA LEU A 315 12.18 31.74 -6.00
C LEU A 315 13.56 31.32 -6.50
N VAL A 316 13.59 30.49 -7.53
CA VAL A 316 14.86 30.04 -8.12
C VAL A 316 15.70 31.25 -8.54
N GLY A 317 15.03 32.25 -9.11
CA GLY A 317 15.70 33.48 -9.49
C GLY A 317 16.29 34.18 -8.28
N GLN A 318 15.53 34.22 -7.19
CA GLN A 318 15.98 34.87 -5.97
C GLN A 318 17.13 34.12 -5.32
N LEU A 319 17.01 32.79 -5.25
CA LEU A 319 18.04 31.96 -4.64
C LEU A 319 19.37 32.08 -5.41
N LYS A 320 19.28 32.39 -6.70
CA LYS A 320 20.47 32.51 -7.54
C LYS A 320 21.19 33.84 -7.33
N GLU A 321 20.57 34.74 -6.56
CA GLU A 321 21.21 36.00 -6.20
C GLU A 321 22.18 35.81 -5.03
N ILE A 322 21.94 34.76 -4.24
CA ILE A 322 22.76 34.48 -3.08
C ILE A 322 24.18 34.12 -3.49
N ASP A 323 25.13 34.98 -3.11
CA ASP A 323 26.53 34.79 -3.48
C ASP A 323 27.28 34.04 -2.40
N ASN A 324 27.69 32.81 -2.72
CA ASN A 324 28.44 31.98 -1.79
C ASN A 324 29.05 30.85 -2.61
N PRO A 325 30.37 30.69 -2.55
CA PRO A 325 31.04 29.65 -3.34
C PRO A 325 30.55 28.27 -2.89
N MET A 326 29.97 28.22 -1.70
CA MET A 326 29.39 26.99 -1.17
C MET A 326 28.33 26.42 -2.09
N ILE A 327 27.55 27.32 -2.70
CA ILE A 327 26.44 26.91 -3.56
C ILE A 327 26.95 26.49 -4.94
N THR A 328 26.81 25.21 -5.25
CA THR A 328 27.25 24.68 -6.54
C THR A 328 26.23 25.01 -7.63
N GLU A 329 24.96 24.84 -7.32
CA GLU A 329 23.89 25.17 -8.26
C GLU A 329 22.54 25.26 -7.56
N VAL A 330 21.67 26.10 -8.11
CA VAL A 330 20.27 26.12 -7.72
C VAL A 330 19.44 25.72 -8.93
N ARG A 331 18.70 24.63 -8.79
CA ARG A 331 17.94 24.09 -9.91
C ARG A 331 16.52 23.70 -9.50
N GLY A 332 15.62 23.70 -10.47
CA GLY A 332 14.25 23.30 -10.21
C GLY A 332 13.28 23.62 -11.33
N LYS A 333 12.06 23.10 -11.18
CA LYS A 333 10.95 23.44 -12.05
C LYS A 333 9.74 23.60 -11.14
N GLY A 334 8.95 24.63 -11.39
CA GLY A 334 7.89 24.98 -10.45
C GLY A 334 8.47 25.05 -9.06
N LEU A 335 7.75 24.50 -8.08
CA LEU A 335 8.23 24.50 -6.71
C LEU A 335 9.00 23.25 -6.31
N PHE A 336 9.53 22.54 -7.28
CA PHE A 336 10.37 21.37 -7.03
C PHE A 336 11.85 21.73 -7.13
N ILE A 337 12.39 22.28 -6.04
CA ILE A 337 13.69 22.93 -6.06
C ILE A 337 14.74 22.21 -5.20
N GLY A 338 15.99 22.27 -5.66
CA GLY A 338 17.11 21.74 -4.91
C GLY A 338 18.32 22.65 -4.98
N ILE A 339 18.97 22.84 -3.84
CA ILE A 339 20.17 23.67 -3.77
C ILE A 339 21.38 22.80 -3.43
N GLU A 340 22.23 22.55 -4.42
CA GLU A 340 23.40 21.70 -4.20
C GLU A 340 24.56 22.50 -3.62
N LEU A 341 25.22 21.92 -2.63
CA LEU A 341 26.38 22.54 -1.99
C LEU A 341 27.59 21.65 -2.20
N ASN A 342 28.77 22.18 -1.89
CA ASN A 342 29.99 21.38 -1.91
C ASN A 342 30.34 20.89 -0.51
N GLU A 343 29.51 21.27 0.46
CA GLU A 343 29.61 20.73 1.81
C GLU A 343 28.39 19.85 2.07
N PRO A 344 28.40 19.11 3.19
CA PRO A 344 27.19 18.39 3.61
C PRO A 344 26.09 19.38 3.96
N ALA A 345 24.84 19.04 3.60
CA ALA A 345 23.74 19.99 3.74
C ALA A 345 23.06 19.92 5.10
N ARG A 346 23.33 18.87 5.87
CA ARG A 346 22.58 18.63 7.09
C ARG A 346 22.65 19.79 8.09
N PRO A 347 23.86 20.33 8.31
CA PRO A 347 23.99 21.44 9.27
C PRO A 347 23.04 22.58 8.96
N TYR A 348 22.93 22.93 7.68
CA TYR A 348 22.12 24.06 7.27
C TYR A 348 20.62 23.77 7.37
N CYS A 349 20.27 22.49 7.33
CA CYS A 349 18.88 22.09 7.55
C CYS A 349 18.50 22.28 9.01
N GLU A 350 19.46 22.06 9.90
CA GLU A 350 19.25 22.24 11.33
C GLU A 350 19.04 23.73 11.65
N GLN A 351 19.93 24.57 11.11
CA GLN A 351 19.81 26.01 11.27
C GLN A 351 18.44 26.48 10.81
N LEU A 352 17.93 25.86 9.75
CA LEU A 352 16.64 26.24 9.19
C LEU A 352 15.49 25.83 10.09
N LYS A 353 15.62 24.68 10.75
CA LYS A 353 14.60 24.24 11.70
C LYS A 353 14.48 25.27 12.82
N ALA A 354 15.63 25.76 13.26
CA ALA A 354 15.66 26.78 14.31
C ALA A 354 15.12 28.09 13.79
N ALA A 355 15.03 28.22 12.47
CA ALA A 355 14.48 29.42 11.86
C ALA A 355 13.03 29.23 11.43
N GLY A 356 12.48 28.06 11.74
CA GLY A 356 11.07 27.80 11.50
C GLY A 356 10.76 27.11 10.18
N LEU A 357 11.79 26.60 9.52
CA LEU A 357 11.61 25.90 8.24
C LEU A 357 12.04 24.44 8.35
N LEU A 358 11.17 23.55 7.86
CA LEU A 358 11.44 22.12 7.92
C LEU A 358 11.65 21.52 6.54
N CYS A 359 12.81 20.91 6.36
CA CYS A 359 13.11 20.12 5.17
C CYS A 359 14.14 19.05 5.53
N LYS A 360 14.40 18.14 4.60
CA LYS A 360 15.40 17.11 4.79
C LYS A 360 16.26 17.02 3.54
N GLU A 361 17.58 16.99 3.72
CA GLU A 361 18.49 16.94 2.59
C GLU A 361 18.46 15.56 1.95
N THR A 362 18.83 15.50 0.68
CA THR A 362 18.98 14.21 -0.02
C THR A 362 20.28 14.23 -0.81
N HIS A 363 20.86 13.05 -1.00
CA HIS A 363 22.14 12.94 -1.69
C HIS A 363 23.20 13.74 -0.93
N GLU A 364 22.99 13.90 0.37
CA GLU A 364 23.95 14.53 1.27
C GLU A 364 24.08 16.05 1.12
N ASN A 365 24.32 16.51 -0.10
CA ASN A 365 24.68 17.91 -0.31
C ASN A 365 23.59 18.75 -0.98
N VAL A 366 22.38 18.20 -1.08
CA VAL A 366 21.29 18.92 -1.72
C VAL A 366 20.19 19.27 -0.71
N ILE A 367 19.90 20.56 -0.57
CA ILE A 367 18.81 21.03 0.26
C ILE A 367 17.51 21.05 -0.53
N ARG A 368 16.57 20.19 -0.15
CA ARG A 368 15.25 20.18 -0.78
C ARG A 368 14.47 21.44 -0.44
N ILE A 369 13.92 22.08 -1.47
CA ILE A 369 12.96 23.16 -1.26
C ILE A 369 11.69 22.83 -2.04
N ALA A 370 10.63 22.46 -1.32
CA ALA A 370 9.39 22.04 -1.97
C ALA A 370 8.23 22.26 -1.00
N PRO A 371 7.79 23.52 -0.86
CA PRO A 371 6.63 23.84 -0.02
C PRO A 371 5.34 23.51 -0.76
N PRO A 372 4.22 23.41 -0.04
CA PRO A 372 2.93 23.16 -0.69
C PRO A 372 2.62 24.22 -1.75
N LEU A 373 1.90 23.81 -2.79
CA LEU A 373 1.63 24.69 -3.92
C LEU A 373 0.62 25.79 -3.58
N VAL A 374 0.08 25.73 -2.37
CA VAL A 374 -0.90 26.73 -1.91
C VAL A 374 -0.22 27.87 -1.17
N ILE A 375 1.09 27.80 -1.02
CA ILE A 375 1.83 28.81 -0.27
C ILE A 375 1.55 30.21 -0.81
N SER A 376 1.31 31.16 0.08
CA SER A 376 1.07 32.54 -0.32
C SER A 376 2.39 33.23 -0.64
N GLU A 377 2.35 34.21 -1.54
CA GLU A 377 3.55 34.95 -1.93
C GLU A 377 4.33 35.43 -0.71
N GLU A 378 3.61 36.05 0.23
CA GLU A 378 4.21 36.59 1.44
C GLU A 378 5.01 35.53 2.17
N ASP A 379 4.37 34.39 2.44
CA ASP A 379 4.98 33.33 3.22
C ASP A 379 6.18 32.74 2.48
N LEU A 380 6.14 32.75 1.14
CA LEU A 380 7.27 32.28 0.35
C LEU A 380 8.42 33.27 0.42
N GLU A 381 8.07 34.55 0.45
CA GLU A 381 9.07 35.61 0.58
C GLU A 381 9.75 35.51 1.93
N TRP A 382 8.97 35.29 2.98
CA TRP A 382 9.49 35.10 4.32
C TRP A 382 10.43 33.91 4.36
N ALA A 383 10.04 32.84 3.67
CA ALA A 383 10.87 31.63 3.61
C ALA A 383 12.20 31.92 2.95
N PHE A 384 12.18 32.66 1.84
CA PHE A 384 13.40 32.99 1.11
C PHE A 384 14.39 33.75 2.00
N GLN A 385 13.87 34.69 2.78
CA GLN A 385 14.70 35.50 3.65
C GLN A 385 15.39 34.63 4.71
N LYS A 386 14.68 33.63 5.21
CA LYS A 386 15.24 32.72 6.19
C LYS A 386 16.33 31.86 5.56
N ILE A 387 16.07 31.38 4.35
CA ILE A 387 17.04 30.57 3.63
C ILE A 387 18.26 31.40 3.28
N LYS A 388 18.05 32.67 2.98
CA LYS A 388 19.12 33.57 2.61
C LYS A 388 20.03 33.82 3.81
N ALA A 389 19.43 33.91 4.99
CA ALA A 389 20.19 34.13 6.22
C ALA A 389 21.11 32.94 6.51
N VAL A 390 20.65 31.75 6.17
CA VAL A 390 21.40 30.52 6.45
C VAL A 390 22.48 30.25 5.41
N LEU A 391 22.18 30.54 4.14
CA LEU A 391 23.07 30.15 3.05
C LEU A 391 23.98 31.28 2.56
N SER A 392 23.70 32.52 2.96
CA SER A 392 24.52 33.64 2.52
C SER A 392 25.89 33.60 3.18
N LYS B 1 -26.23 0.87 -11.97
CA LYS B 1 -26.86 2.03 -12.59
C LYS B 1 -26.10 2.41 -13.86
N ASP B 2 -25.64 3.65 -13.93
CA ASP B 2 -24.75 4.04 -15.01
C ASP B 2 -23.32 4.04 -14.51
N ILE B 3 -23.13 3.65 -13.25
CA ILE B 3 -21.82 3.64 -12.65
C ILE B 3 -20.99 2.51 -13.26
N ILE B 4 -21.68 1.50 -13.80
CA ILE B 4 -21.02 0.31 -14.31
C ILE B 4 -20.50 0.54 -15.73
N GLU B 5 -21.29 1.23 -16.54
CA GLU B 5 -20.85 1.62 -17.88
C GLU B 5 -19.63 2.52 -17.77
N LEU B 6 -19.75 3.54 -16.92
CA LEU B 6 -18.68 4.49 -16.69
C LEU B 6 -17.41 3.79 -16.23
N THR B 7 -17.56 2.79 -15.37
CA THR B 7 -16.43 2.01 -14.90
C THR B 7 -15.81 1.20 -16.04
N ASP B 8 -16.67 0.62 -16.86
CA ASP B 8 -16.22 -0.23 -17.96
C ASP B 8 -15.53 0.59 -19.07
N THR B 9 -15.76 1.90 -19.06
CA THR B 9 -15.17 2.78 -20.07
C THR B 9 -13.71 3.07 -19.78
N TYR B 10 -13.42 3.47 -18.54
CA TYR B 10 -12.08 3.88 -18.16
C TYR B 10 -11.40 2.89 -17.23
N GLY B 11 -12.08 1.79 -16.92
CA GLY B 11 -11.60 0.86 -15.92
C GLY B 11 -10.79 -0.30 -16.48
N ALA B 12 -9.60 -0.49 -15.93
CA ALA B 12 -8.79 -1.67 -16.24
C ALA B 12 -9.58 -2.91 -15.80
N ASN B 13 -9.51 -3.96 -16.60
CA ASN B 13 -10.35 -5.13 -16.39
C ASN B 13 -9.79 -6.18 -15.43
N ASN B 14 -8.92 -5.78 -14.52
CA ASN B 14 -8.34 -6.70 -13.55
C ASN B 14 -9.37 -7.32 -12.59
N TYR B 15 -10.58 -6.78 -12.59
CA TYR B 15 -11.67 -7.32 -11.80
C TYR B 15 -12.93 -7.47 -12.66
N HIS B 16 -13.84 -8.34 -12.22
CA HIS B 16 -15.14 -8.50 -12.87
C HIS B 16 -16.20 -8.67 -11.80
N PRO B 17 -16.47 -7.58 -11.07
CA PRO B 17 -17.37 -7.59 -9.89
C PRO B 17 -18.84 -7.79 -10.27
N LEU B 18 -19.62 -8.28 -9.31
CA LEU B 18 -21.05 -8.45 -9.51
C LEU B 18 -21.65 -7.11 -9.95
N PRO B 19 -22.71 -7.16 -10.75
CA PRO B 19 -23.34 -5.94 -11.26
C PRO B 19 -23.96 -5.02 -10.20
N ILE B 20 -23.70 -5.32 -8.93
CA ILE B 20 -24.25 -4.54 -7.83
C ILE B 20 -23.41 -3.37 -7.34
N VAL B 21 -24.08 -2.25 -7.07
CA VAL B 21 -23.41 -1.04 -6.61
C VAL B 21 -23.78 -0.75 -5.17
N ILE B 22 -22.78 -0.58 -4.31
CA ILE B 22 -23.01 -0.23 -2.92
C ILE B 22 -22.71 1.25 -2.71
N SER B 23 -23.71 1.99 -2.23
CA SER B 23 -23.55 3.43 -2.01
C SER B 23 -23.70 3.80 -0.54
N LYS B 24 -24.10 2.84 0.28
CA LYS B 24 -24.18 3.04 1.73
C LYS B 24 -23.94 1.73 2.47
N ALA B 25 -23.51 1.83 3.72
CA ALA B 25 -23.24 0.66 4.54
C ALA B 25 -23.06 1.03 6.00
N GLU B 26 -23.65 0.23 6.88
CA GLU B 26 -23.50 0.42 8.31
C GLU B 26 -23.65 -0.94 9.00
N GLY B 27 -22.69 -1.28 9.87
CA GLY B 27 -22.71 -2.56 10.54
C GLY B 27 -22.57 -3.70 9.55
N VAL B 28 -23.60 -4.53 9.46
CA VAL B 28 -23.56 -5.70 8.58
C VAL B 28 -24.43 -5.51 7.33
N TRP B 29 -25.10 -4.37 7.22
CA TRP B 29 -26.00 -4.12 6.11
C TRP B 29 -25.38 -3.17 5.08
N VAL B 30 -25.74 -3.40 3.82
CA VAL B 30 -25.31 -2.53 2.73
C VAL B 30 -26.50 -2.19 1.85
N GLU B 31 -26.40 -1.09 1.11
CA GLU B 31 -27.52 -0.57 0.34
C GLU B 31 -27.07 -0.07 -1.02
N ASP B 32 -27.92 -0.26 -2.03
CA ASP B 32 -27.61 0.20 -3.39
C ASP B 32 -28.32 1.53 -3.66
N PRO B 33 -28.05 2.14 -4.82
CA PRO B 33 -28.70 3.41 -5.15
C PRO B 33 -30.22 3.33 -5.15
N GLU B 34 -30.75 2.14 -5.44
CA GLU B 34 -32.20 1.95 -5.47
C GLU B 34 -32.77 1.72 -4.07
N GLY B 35 -31.93 1.27 -3.16
CA GLY B 35 -32.32 1.11 -1.77
C GLY B 35 -32.47 -0.32 -1.30
N ASN B 36 -32.05 -1.28 -2.12
CA ASN B 36 -32.06 -2.68 -1.71
C ASN B 36 -31.01 -2.92 -0.64
N ARG B 37 -31.40 -3.55 0.46
CA ARG B 37 -30.47 -3.86 1.53
C ARG B 37 -29.96 -5.28 1.41
N TYR B 38 -28.66 -5.46 1.66
CA TYR B 38 -28.04 -6.78 1.69
C TYR B 38 -27.23 -6.91 2.97
N MET B 39 -27.13 -8.12 3.48
CA MET B 39 -26.26 -8.39 4.63
C MET B 39 -24.90 -8.84 4.13
N ASP B 40 -23.84 -8.28 4.70
CA ASP B 40 -22.48 -8.57 4.24
C ASP B 40 -21.94 -9.82 4.92
N LEU B 41 -21.82 -10.89 4.15
CA LEU B 41 -21.24 -12.14 4.65
C LEU B 41 -19.79 -12.27 4.22
N LEU B 42 -19.24 -11.20 3.68
CA LEU B 42 -17.86 -11.20 3.22
C LEU B 42 -17.00 -10.32 4.12
N SER B 43 -17.65 -9.39 4.82
CA SER B 43 -16.94 -8.43 5.66
C SER B 43 -15.77 -7.81 4.92
N ALA B 44 -15.98 -7.53 3.63
CA ALA B 44 -14.92 -7.01 2.78
C ALA B 44 -13.67 -7.85 2.94
N TYR B 45 -13.85 -9.16 2.90
CA TYR B 45 -12.75 -10.11 3.09
C TYR B 45 -12.11 -9.95 4.47
N SER B 46 -12.94 -9.58 5.45
CA SER B 46 -12.55 -9.53 6.85
C SER B 46 -11.89 -8.22 7.27
N ALA B 47 -12.02 -7.18 6.45
CA ALA B 47 -11.45 -5.88 6.78
C ALA B 47 -12.39 -5.11 7.70
N VAL B 48 -13.69 -5.36 7.57
CA VAL B 48 -14.68 -4.70 8.40
C VAL B 48 -15.20 -5.62 9.49
N ASN B 49 -14.29 -6.17 10.29
CA ASN B 49 -14.66 -7.03 11.40
C ASN B 49 -15.49 -6.30 12.45
N GLN B 50 -15.34 -4.98 12.49
CA GLN B 50 -16.08 -4.16 13.44
C GLN B 50 -17.34 -3.58 12.82
N GLY B 51 -17.76 -4.14 11.69
CA GLY B 51 -18.91 -3.64 10.97
C GLY B 51 -18.54 -2.48 10.06
N HIS B 52 -19.45 -2.13 9.16
CA HIS B 52 -19.23 -0.98 8.27
C HIS B 52 -19.42 0.34 9.02
N ARG B 53 -18.45 1.24 8.86
CA ARG B 53 -18.55 2.59 9.45
C ARG B 53 -18.89 2.55 10.93
N HIS B 54 -18.07 1.88 11.73
CA HIS B 54 -18.26 1.87 13.17
C HIS B 54 -18.03 3.27 13.72
N PRO B 55 -19.04 3.83 14.40
CA PRO B 55 -19.01 5.23 14.84
C PRO B 55 -17.76 5.63 15.62
N LYS B 56 -17.29 4.78 16.53
CA LYS B 56 -16.09 5.08 17.29
C LYS B 56 -14.86 5.18 16.37
N ILE B 57 -14.86 4.36 15.33
CA ILE B 57 -13.75 4.35 14.37
C ILE B 57 -13.87 5.50 13.38
N ILE B 58 -15.09 5.78 12.94
CA ILE B 58 -15.34 6.89 12.03
C ILE B 58 -15.04 8.22 12.71
N ASN B 59 -15.41 8.31 13.98
CA ASN B 59 -15.18 9.53 14.76
C ASN B 59 -13.68 9.74 14.97
N ALA B 60 -12.94 8.64 15.01
CA ALA B 60 -11.48 8.70 15.13
C ALA B 60 -10.90 9.32 13.87
N LEU B 61 -11.29 8.77 12.72
CA LEU B 61 -10.89 9.32 11.42
C LEU B 61 -11.19 10.81 11.38
N ILE B 62 -12.41 11.17 11.76
CA ILE B 62 -12.88 12.55 11.72
C ILE B 62 -12.07 13.46 12.65
N ASP B 63 -11.67 12.93 13.80
CA ASP B 63 -10.96 13.73 14.80
C ASP B 63 -9.49 13.96 14.44
N GLN B 64 -8.83 12.93 13.92
CA GLN B 64 -7.43 13.06 13.51
C GLN B 64 -7.34 13.95 12.28
N ALA B 65 -8.36 13.90 11.44
CA ALA B 65 -8.40 14.73 10.24
C ALA B 65 -8.58 16.20 10.60
N ASN B 66 -8.83 16.48 11.87
CA ASN B 66 -8.90 17.85 12.35
C ASN B 66 -7.56 18.33 12.90
N ARG B 67 -6.58 17.44 12.89
CA ARG B 67 -5.29 17.75 13.47
C ARG B 67 -4.15 17.63 12.46
N VAL B 68 -3.85 16.41 12.04
CA VAL B 68 -2.87 16.19 10.97
C VAL B 68 -3.02 14.77 10.44
N THR B 69 -2.81 14.61 9.14
CA THR B 69 -3.06 13.33 8.49
C THR B 69 -1.78 12.72 7.92
N LEU B 70 -0.80 13.56 7.61
CA LEU B 70 0.45 13.06 7.04
C LEU B 70 1.67 13.88 7.45
N THR B 71 2.42 13.34 8.41
CA THR B 71 3.77 13.80 8.66
C THR B 71 4.67 12.77 8.01
N SER B 72 5.57 13.23 7.13
CA SER B 72 6.52 12.32 6.53
C SER B 72 7.18 11.54 7.64
N ARG B 73 7.70 10.35 7.35
CA ARG B 73 8.42 9.59 8.36
C ARG B 73 9.67 10.34 8.80
N ALA B 74 9.96 11.45 8.15
CA ALA B 74 11.08 12.30 8.54
C ALA B 74 10.91 12.90 9.94
N PHE B 75 9.65 13.05 10.35
CA PHE B 75 9.34 13.62 11.66
C PHE B 75 8.36 12.72 12.40
N HIS B 76 8.11 13.01 13.67
CA HIS B 76 7.19 12.23 14.47
C HIS B 76 5.78 12.76 14.39
N SER B 77 4.80 11.86 14.48
CA SER B 77 3.44 12.26 14.78
C SER B 77 3.23 12.02 16.26
N ASP B 78 2.06 12.35 16.78
CA ASP B 78 1.78 12.13 18.20
C ASP B 78 0.82 10.95 18.37
N GLN B 79 0.62 10.20 17.29
CA GLN B 79 -0.24 9.03 17.30
C GLN B 79 0.54 7.73 17.12
N LEU B 80 1.67 7.80 16.43
CA LEU B 80 2.46 6.61 16.14
C LEU B 80 2.91 5.91 17.41
N GLY B 81 3.41 6.69 18.37
CA GLY B 81 3.86 6.14 19.63
C GLY B 81 2.80 5.29 20.31
N PRO B 82 1.67 5.91 20.66
CA PRO B 82 0.52 5.20 21.26
C PRO B 82 0.09 3.96 20.48
N TRP B 83 0.08 4.06 19.14
CA TRP B 83 -0.31 2.93 18.31
C TRP B 83 0.71 1.80 18.42
N TYR B 84 1.99 2.13 18.31
CA TYR B 84 3.05 1.16 18.51
C TYR B 84 2.79 0.39 19.81
N GLU B 85 2.61 1.15 20.88
CA GLU B 85 2.46 0.60 22.23
C GLU B 85 1.24 -0.30 22.37
N LYS B 86 0.16 0.04 21.67
CA LYS B 86 -1.06 -0.74 21.73
C LYS B 86 -0.91 -2.05 20.97
N VAL B 87 -0.23 -1.98 19.83
CA VAL B 87 0.00 -3.16 19.01
C VAL B 87 1.09 -4.05 19.61
N ALA B 88 2.05 -3.41 20.28
CA ALA B 88 3.14 -4.14 20.92
C ALA B 88 2.62 -4.94 22.11
N LYS B 89 1.68 -4.36 22.85
CA LYS B 89 1.07 -5.04 23.99
C LYS B 89 0.15 -6.15 23.51
N LEU B 90 -0.57 -5.91 22.42
CA LEU B 90 -1.52 -6.89 21.89
C LEU B 90 -0.80 -8.12 21.34
N THR B 91 0.36 -7.90 20.74
CA THR B 91 1.11 -8.99 20.13
C THR B 91 2.17 -9.54 21.08
N ASN B 92 2.37 -8.85 22.20
CA ASN B 92 3.43 -9.22 23.14
C ASN B 92 4.76 -9.34 22.43
N LYS B 93 5.01 -8.44 21.50
CA LYS B 93 6.27 -8.39 20.77
C LYS B 93 6.94 -7.05 21.04
N GLU B 94 8.25 -7.00 20.83
CA GLU B 94 9.04 -5.85 21.25
C GLU B 94 8.94 -4.65 20.31
N MET B 95 9.09 -4.86 19.00
CA MET B 95 8.93 -3.75 18.06
C MET B 95 7.90 -4.03 16.96
N VAL B 96 7.37 -2.94 16.42
CA VAL B 96 6.33 -2.97 15.42
C VAL B 96 6.73 -2.11 14.23
N LEU B 97 6.49 -2.59 13.01
CA LEU B 97 6.87 -1.86 11.82
C LEU B 97 5.67 -1.68 10.90
N PRO B 98 5.16 -0.43 10.81
CA PRO B 98 3.91 -0.13 10.14
C PRO B 98 4.04 0.00 8.62
N MET B 99 3.10 -0.59 7.89
CA MET B 99 3.00 -0.39 6.47
C MET B 99 1.54 -0.07 6.16
N ASN B 100 1.20 0.04 4.87
CA ASN B 100 -0.15 0.42 4.48
C ASN B 100 -1.06 -0.74 4.09
N THR B 101 -0.56 -1.62 3.24
CA THR B 101 -1.35 -2.75 2.75
C THR B 101 -0.79 -4.08 3.24
N GLY B 102 -1.57 -5.15 3.11
CA GLY B 102 -1.13 -6.47 3.51
C GLY B 102 0.13 -6.88 2.77
N ALA B 103 0.08 -6.79 1.45
CA ALA B 103 1.23 -7.16 0.61
C ALA B 103 2.48 -6.45 1.09
N GLU B 104 2.41 -5.13 1.27
CA GLU B 104 3.53 -4.34 1.77
C GLU B 104 4.08 -4.96 3.04
N ALA B 105 3.19 -5.37 3.93
CA ALA B 105 3.59 -5.96 5.20
C ALA B 105 4.20 -7.34 4.97
N VAL B 106 3.64 -8.10 4.04
CA VAL B 106 4.20 -9.40 3.68
C VAL B 106 5.58 -9.18 3.05
N GLU B 107 5.66 -8.22 2.14
CA GLU B 107 6.91 -7.87 1.50
C GLU B 107 7.94 -7.50 2.57
N THR B 108 7.50 -6.76 3.57
CA THR B 108 8.34 -6.39 4.69
C THR B 108 8.87 -7.64 5.39
N ALA B 109 8.04 -8.68 5.47
CA ALA B 109 8.44 -9.92 6.10
C ALA B 109 9.52 -10.61 5.28
N ILE B 110 9.35 -10.63 3.97
CA ILE B 110 10.36 -11.18 3.07
C ILE B 110 11.71 -10.54 3.36
N LYS B 111 11.75 -9.22 3.35
CA LYS B 111 12.99 -8.48 3.58
C LYS B 111 13.54 -8.76 4.98
N THR B 112 12.66 -8.69 5.98
CA THR B 112 13.07 -8.92 7.37
C THR B 112 13.66 -10.31 7.55
N ALA B 113 12.95 -11.31 7.06
CA ALA B 113 13.38 -12.70 7.17
C ALA B 113 14.77 -12.89 6.58
N ARG B 114 14.98 -12.33 5.38
CA ARG B 114 16.21 -12.53 4.64
C ARG B 114 17.43 -11.90 5.33
N ARG B 115 17.35 -10.62 5.65
CA ARG B 115 18.48 -9.95 6.30
C ARG B 115 18.83 -10.62 7.62
N TRP B 116 17.80 -11.02 8.37
CA TRP B 116 18.02 -11.75 9.60
C TRP B 116 18.83 -13.02 9.32
N ALA B 117 18.43 -13.74 8.28
CA ALA B 117 19.09 -14.99 7.90
C ALA B 117 20.57 -14.74 7.61
N TYR B 118 20.87 -13.63 6.95
CA TYR B 118 22.24 -13.31 6.61
C TYR B 118 23.01 -12.75 7.79
N ASP B 119 22.56 -11.62 8.32
CA ASP B 119 23.24 -10.94 9.41
C ASP B 119 23.34 -11.82 10.66
N VAL B 120 22.27 -12.54 10.97
CA VAL B 120 22.20 -13.28 12.23
C VAL B 120 22.39 -14.80 12.12
N LYS B 121 21.64 -15.44 11.24
CA LYS B 121 21.77 -16.89 11.06
C LYS B 121 23.02 -17.18 10.24
N LYS B 122 23.51 -16.16 9.55
CA LYS B 122 24.75 -16.27 8.78
C LYS B 122 24.62 -17.30 7.66
N VAL B 123 23.45 -17.33 7.01
CA VAL B 123 23.23 -18.21 5.88
C VAL B 123 24.01 -17.69 4.68
N GLU B 124 24.36 -18.60 3.76
CA GLU B 124 25.13 -18.23 2.58
C GLU B 124 24.47 -17.09 1.82
N ALA B 125 25.32 -16.18 1.35
CA ALA B 125 24.85 -14.98 0.70
C ALA B 125 24.00 -15.23 -0.51
N ASN B 126 22.86 -14.57 -0.51
CA ASN B 126 21.94 -14.65 -1.61
C ASN B 126 21.39 -16.02 -1.75
N ARG B 127 21.57 -16.84 -0.74
CA ARG B 127 21.10 -18.20 -0.79
C ARG B 127 19.97 -18.50 0.16
N ALA B 128 19.30 -17.47 0.64
CA ALA B 128 18.27 -17.69 1.65
C ALA B 128 17.00 -18.25 1.02
N GLU B 129 16.26 -19.05 1.79
CA GLU B 129 15.05 -19.69 1.30
C GLU B 129 13.87 -19.41 2.23
N ILE B 130 12.68 -19.34 1.64
CA ILE B 130 11.46 -19.11 2.40
C ILE B 130 10.41 -20.15 2.04
N ILE B 131 10.02 -20.95 3.03
CA ILE B 131 8.99 -21.96 2.82
C ILE B 131 7.62 -21.30 2.84
N VAL B 132 6.82 -21.60 1.81
CA VAL B 132 5.44 -21.13 1.76
C VAL B 132 4.53 -22.34 1.55
N CYS B 133 3.23 -22.13 1.64
CA CYS B 133 2.27 -23.22 1.53
C CYS B 133 1.45 -23.12 0.25
N GLU B 134 1.06 -24.27 -0.28
CA GLU B 134 0.29 -24.34 -1.51
C GLU B 134 -1.09 -23.72 -1.33
N ASP B 135 -1.55 -23.01 -2.35
CA ASP B 135 -2.88 -22.39 -2.35
C ASP B 135 -2.93 -21.21 -1.39
N ASN B 136 -1.77 -20.64 -1.08
CA ASN B 136 -1.70 -19.49 -0.20
C ASN B 136 -2.05 -18.21 -0.95
N PHE B 137 -2.39 -17.18 -0.20
CA PHE B 137 -2.56 -15.85 -0.77
C PHE B 137 -1.94 -14.83 0.17
N HIS B 138 -0.92 -14.14 -0.31
CA HIS B 138 -0.17 -13.20 0.51
C HIS B 138 -0.11 -11.80 -0.10
N GLY B 139 -0.64 -11.65 -1.31
CA GLY B 139 -0.67 -10.35 -1.95
C GLY B 139 -0.48 -10.39 -3.45
N ARG B 140 -0.26 -9.22 -4.04
CA ARG B 140 -0.17 -9.11 -5.49
C ARG B 140 1.13 -8.45 -5.94
N THR B 141 1.84 -7.84 -5.00
CA THR B 141 3.15 -7.27 -5.30
C THR B 141 4.04 -8.42 -5.78
N MET B 142 5.17 -8.08 -6.41
CA MET B 142 6.03 -9.09 -7.01
C MET B 142 6.55 -10.09 -5.99
N GLY B 143 6.93 -9.61 -4.81
CA GLY B 143 7.43 -10.49 -3.77
C GLY B 143 6.37 -11.46 -3.28
N ALA B 144 5.17 -10.94 -3.04
CA ALA B 144 4.06 -11.74 -2.54
C ALA B 144 3.55 -12.70 -3.60
N VAL B 145 3.37 -12.21 -4.83
CA VAL B 145 2.82 -13.00 -5.90
C VAL B 145 3.76 -14.15 -6.28
N SER B 146 5.05 -13.95 -6.07
CA SER B 146 6.04 -14.99 -6.34
C SER B 146 5.83 -16.20 -5.44
N MET B 147 5.05 -16.02 -4.38
CA MET B 147 4.81 -17.10 -3.41
C MET B 147 3.62 -17.98 -3.80
N SER B 148 2.68 -17.40 -4.55
CA SER B 148 1.45 -18.11 -4.89
C SER B 148 1.75 -19.41 -5.62
N SER B 149 0.86 -20.39 -5.46
CA SER B 149 0.96 -21.63 -6.20
C SER B 149 -0.13 -21.66 -7.26
N ASN B 150 -0.68 -20.49 -7.55
CA ASN B 150 -1.64 -20.31 -8.63
C ASN B 150 -0.95 -19.66 -9.81
N GLU B 151 -0.86 -20.41 -10.92
CA GLU B 151 -0.12 -19.93 -12.08
C GLU B 151 -0.89 -18.86 -12.85
N GLU B 152 -2.14 -18.63 -12.48
CA GLU B 152 -2.94 -17.59 -13.09
C GLU B 152 -2.53 -16.22 -12.54
N TYR B 153 -2.14 -16.19 -11.27
CA TYR B 153 -1.65 -14.97 -10.65
C TYR B 153 -0.22 -14.68 -11.06
N LYS B 154 0.41 -15.65 -11.73
CA LYS B 154 1.84 -15.57 -12.04
C LYS B 154 2.13 -15.61 -13.54
N ARG B 155 1.09 -15.79 -14.35
CA ARG B 155 1.28 -15.95 -15.79
C ARG B 155 1.92 -14.72 -16.43
N GLY B 156 3.04 -14.94 -17.10
CA GLY B 156 3.69 -13.90 -17.89
C GLY B 156 3.99 -12.61 -17.15
N PHE B 157 4.32 -12.71 -15.87
CA PHE B 157 4.76 -11.56 -15.10
C PHE B 157 6.27 -11.43 -15.00
N GLY B 158 6.95 -12.03 -15.97
CA GLY B 158 8.40 -11.92 -16.10
C GLY B 158 9.06 -12.85 -15.10
N PRO B 159 10.39 -12.73 -14.98
CA PRO B 159 11.16 -13.50 -14.02
C PRO B 159 10.68 -13.24 -12.59
N MET B 160 10.29 -14.29 -11.89
CA MET B 160 9.81 -14.15 -10.52
C MET B 160 10.98 -14.02 -9.55
N LEU B 161 10.66 -13.79 -8.29
CA LEU B 161 11.68 -13.64 -7.25
C LEU B 161 12.16 -14.99 -6.76
N PRO B 162 13.48 -15.24 -6.84
CA PRO B 162 14.05 -16.53 -6.45
C PRO B 162 13.96 -16.83 -4.95
N GLY B 163 14.35 -18.03 -4.56
CA GLY B 163 14.50 -18.37 -3.16
C GLY B 163 13.22 -18.75 -2.44
N ILE B 164 12.20 -19.18 -3.19
CA ILE B 164 10.94 -19.58 -2.58
C ILE B 164 10.64 -21.06 -2.80
N ILE B 165 10.26 -21.73 -1.72
CA ILE B 165 9.92 -23.15 -1.75
C ILE B 165 8.47 -23.34 -1.29
N VAL B 166 7.76 -24.24 -1.94
CA VAL B 166 6.35 -24.46 -1.64
C VAL B 166 6.10 -25.89 -1.16
N ILE B 167 5.34 -26.02 -0.08
CA ILE B 167 4.99 -27.32 0.47
C ILE B 167 3.49 -27.42 0.70
N PRO B 168 2.95 -28.65 0.68
CA PRO B 168 1.53 -28.88 0.99
C PRO B 168 1.14 -28.30 2.34
N TYR B 169 -0.06 -27.74 2.42
CA TYR B 169 -0.53 -27.09 3.64
C TYR B 169 -0.97 -28.12 4.68
N GLY B 170 -0.57 -27.88 5.92
CA GLY B 170 -0.92 -28.78 7.01
C GLY B 170 -0.05 -30.02 7.03
N ASP B 171 1.05 -29.98 6.30
CA ASP B 171 1.96 -31.11 6.19
C ASP B 171 3.22 -30.85 7.00
N LEU B 172 3.41 -31.61 8.08
CA LEU B 172 4.55 -31.42 8.96
C LEU B 172 5.81 -32.06 8.39
N GLU B 173 5.63 -33.17 7.67
CA GLU B 173 6.76 -33.88 7.07
C GLU B 173 7.30 -33.14 5.85
N ALA B 174 6.41 -32.49 5.12
CA ALA B 174 6.81 -31.66 3.98
C ALA B 174 7.71 -30.53 4.48
N LEU B 175 7.28 -29.89 5.55
CA LEU B 175 8.05 -28.82 6.19
C LEU B 175 9.43 -29.32 6.59
N LYS B 176 9.46 -30.42 7.35
CA LYS B 176 10.71 -30.99 7.82
C LYS B 176 11.69 -31.27 6.69
N ALA B 177 11.16 -31.76 5.57
CA ALA B 177 11.99 -32.12 4.42
C ALA B 177 12.49 -30.90 3.68
N ALA B 178 11.62 -29.90 3.53
CA ALA B 178 11.95 -28.71 2.76
C ALA B 178 13.05 -27.88 3.41
N ILE B 179 13.15 -27.94 4.74
CA ILE B 179 14.12 -27.13 5.46
C ILE B 179 15.56 -27.53 5.16
N THR B 180 16.37 -26.55 4.78
CA THR B 180 17.79 -26.72 4.58
C THR B 180 18.50 -25.74 5.50
N PRO B 181 19.83 -25.84 5.62
CA PRO B 181 20.53 -24.88 6.49
C PRO B 181 20.53 -23.46 5.93
N ASN B 182 19.91 -23.27 4.76
CA ASN B 182 19.75 -21.94 4.18
C ASN B 182 18.33 -21.40 4.34
N THR B 183 17.48 -22.15 5.03
CA THR B 183 16.08 -21.77 5.18
C THR B 183 15.93 -20.60 6.15
N ALA B 184 15.41 -19.48 5.63
CA ALA B 184 15.27 -18.26 6.41
C ALA B 184 14.00 -18.27 7.25
N ALA B 185 12.87 -18.58 6.62
CA ALA B 185 11.58 -18.50 7.31
C ALA B 185 10.55 -19.47 6.74
N PHE B 186 9.45 -19.63 7.47
CA PHE B 186 8.31 -20.42 7.04
C PHE B 186 7.05 -19.59 7.21
N ILE B 187 6.57 -19.01 6.12
CA ILE B 187 5.42 -18.12 6.16
C ILE B 187 4.16 -18.84 5.71
N LEU B 188 3.14 -18.83 6.58
CA LEU B 188 1.89 -19.51 6.29
C LEU B 188 0.71 -18.82 6.96
N GLU B 189 -0.48 -19.07 6.45
CA GLU B 189 -1.72 -18.61 7.06
C GLU B 189 -2.14 -19.62 8.11
N PRO B 190 -2.52 -19.14 9.31
CA PRO B 190 -3.01 -20.06 10.34
C PRO B 190 -4.22 -20.83 9.84
N ILE B 191 -5.04 -20.15 9.04
CA ILE B 191 -6.11 -20.79 8.28
C ILE B 191 -6.11 -20.19 6.89
N GLN B 192 -5.97 -21.02 5.87
CA GLN B 192 -5.92 -20.53 4.50
C GLN B 192 -7.28 -19.96 4.09
N GLY B 193 -7.27 -18.68 3.73
CA GLY B 193 -8.51 -17.97 3.42
C GLY B 193 -9.05 -18.29 2.03
N GLU B 194 -8.41 -17.74 1.01
CA GLU B 194 -8.88 -17.90 -0.36
C GLU B 194 -8.83 -19.37 -0.80
N ALA B 195 -8.03 -20.16 -0.09
CA ALA B 195 -7.85 -21.57 -0.42
C ALA B 195 -9.10 -22.39 -0.10
N GLY B 196 -10.09 -21.75 0.53
CA GLY B 196 -11.34 -22.39 0.86
C GLY B 196 -11.55 -22.58 2.35
N ILE B 197 -11.03 -21.64 3.13
CA ILE B 197 -11.13 -21.70 4.59
C ILE B 197 -10.72 -23.09 5.08
N ASN B 198 -9.58 -23.60 4.60
CA ASN B 198 -9.12 -24.91 5.03
C ASN B 198 -8.28 -24.83 6.30
N ILE B 199 -8.75 -25.52 7.33
CA ILE B 199 -8.17 -25.47 8.65
C ILE B 199 -7.16 -26.60 8.83
N PRO B 200 -5.93 -26.28 9.24
CA PRO B 200 -4.91 -27.32 9.39
C PRO B 200 -5.24 -28.22 10.59
N PRO B 201 -4.65 -29.42 10.63
CA PRO B 201 -4.99 -30.31 11.75
C PRO B 201 -4.69 -29.66 13.10
N ALA B 202 -5.33 -30.16 14.16
CA ALA B 202 -5.23 -29.53 15.47
C ALA B 202 -3.83 -29.71 16.08
N GLY B 203 -3.21 -28.58 16.45
CA GLY B 203 -1.89 -28.60 17.06
C GLY B 203 -0.77 -28.43 16.05
N PHE B 204 -1.11 -28.52 14.76
CA PHE B 204 -0.13 -28.40 13.70
C PHE B 204 0.72 -27.15 13.86
N LEU B 205 0.08 -26.03 14.23
CA LEU B 205 0.79 -24.77 14.38
C LEU B 205 1.77 -24.84 15.54
N LYS B 206 1.43 -25.62 16.56
CA LYS B 206 2.32 -25.82 17.70
C LYS B 206 3.47 -26.73 17.31
N GLU B 207 3.18 -27.69 16.43
CA GLU B 207 4.20 -28.63 15.96
C GLU B 207 5.11 -27.96 14.93
N ALA B 208 4.51 -27.16 14.05
CA ALA B 208 5.27 -26.44 13.04
C ALA B 208 6.28 -25.50 13.67
N LEU B 209 5.86 -24.81 14.72
CA LEU B 209 6.71 -23.86 15.44
C LEU B 209 7.90 -24.57 16.08
N GLU B 210 7.65 -25.72 16.70
CA GLU B 210 8.71 -26.48 17.36
C GLU B 210 9.77 -26.93 16.35
N VAL B 211 9.33 -27.28 15.15
CA VAL B 211 10.25 -27.66 14.09
C VAL B 211 11.14 -26.48 13.71
N CYS B 212 10.50 -25.33 13.51
CA CYS B 212 11.21 -24.12 13.13
C CYS B 212 12.16 -23.67 14.23
N LYS B 213 11.74 -23.81 15.48
CA LYS B 213 12.58 -23.48 16.63
C LYS B 213 13.86 -24.28 16.61
N LYS B 214 13.72 -25.60 16.48
CA LYS B 214 14.86 -26.50 16.48
C LYS B 214 15.83 -26.17 15.33
N GLU B 215 15.27 -25.80 14.18
CA GLU B 215 16.08 -25.52 13.00
C GLU B 215 16.48 -24.05 12.90
N ASN B 216 16.23 -23.31 13.97
CA ASN B 216 16.48 -21.86 13.96
C ASN B 216 15.89 -21.20 12.72
N VAL B 217 14.66 -21.54 12.40
CA VAL B 217 13.93 -20.92 11.29
C VAL B 217 12.80 -20.08 11.85
N LEU B 218 12.63 -18.87 11.31
CA LEU B 218 11.58 -17.97 11.79
C LEU B 218 10.20 -18.53 11.45
N PHE B 219 9.27 -18.40 12.39
CA PHE B 219 7.90 -18.81 12.18
C PHE B 219 7.01 -17.58 12.00
N VAL B 220 6.72 -17.23 10.76
CA VAL B 220 5.99 -16.01 10.45
C VAL B 220 4.54 -16.31 10.11
N ALA B 221 3.63 -15.73 10.89
CA ALA B 221 2.21 -15.97 10.71
C ALA B 221 1.51 -14.82 9.99
N ASP B 222 0.89 -15.12 8.86
CA ASP B 222 0.12 -14.13 8.11
C ASP B 222 -1.31 -14.08 8.65
N GLU B 223 -1.58 -13.10 9.51
CA GLU B 223 -2.88 -13.00 10.16
C GLU B 223 -3.65 -11.78 9.69
N ILE B 224 -3.35 -11.32 8.49
CA ILE B 224 -4.05 -10.18 7.90
C ILE B 224 -5.54 -10.46 7.79
N GLN B 225 -5.89 -11.70 7.45
CA GLN B 225 -7.29 -12.09 7.31
C GLN B 225 -7.82 -12.73 8.59
N THR B 226 -7.02 -13.57 9.22
CA THR B 226 -7.46 -14.38 10.36
C THR B 226 -7.32 -13.67 11.70
N GLY B 227 -6.47 -12.65 11.77
CA GLY B 227 -6.18 -11.97 13.02
C GLY B 227 -7.31 -11.09 13.51
N LEU B 228 -7.19 -10.67 14.77
CA LEU B 228 -8.08 -9.67 15.35
C LEU B 228 -9.51 -10.16 15.52
N GLY B 229 -9.67 -11.31 16.19
CA GLY B 229 -10.98 -11.77 16.61
C GLY B 229 -11.77 -12.53 15.57
N ARG B 230 -11.32 -12.49 14.32
CA ARG B 230 -12.03 -13.15 13.23
C ARG B 230 -12.33 -14.62 13.53
N THR B 231 -11.34 -15.34 14.02
CA THR B 231 -11.45 -16.78 14.19
C THR B 231 -11.88 -17.19 15.61
N GLY B 232 -12.42 -16.23 16.37
CA GLY B 232 -12.91 -16.51 17.71
C GLY B 232 -11.84 -16.34 18.77
N LYS B 233 -10.65 -15.94 18.34
CA LYS B 233 -9.57 -15.62 19.26
C LYS B 233 -8.80 -14.42 18.71
N VAL B 234 -8.06 -13.73 19.55
CA VAL B 234 -7.35 -12.53 19.12
C VAL B 234 -6.52 -12.82 17.89
N PHE B 235 -5.81 -13.95 17.92
CA PHE B 235 -5.08 -14.43 16.76
C PHE B 235 -5.41 -15.90 16.52
N ALA B 236 -5.34 -16.33 15.26
CA ALA B 236 -5.68 -17.71 14.92
C ALA B 236 -4.62 -18.67 15.43
N CYS B 237 -3.44 -18.14 15.75
CA CYS B 237 -2.37 -18.94 16.35
C CYS B 237 -2.74 -19.32 17.79
N ASP B 238 -3.55 -18.47 18.43
CA ASP B 238 -3.95 -18.71 19.80
C ASP B 238 -4.66 -20.05 19.98
N TRP B 239 -5.24 -20.55 18.90
CA TRP B 239 -5.96 -21.82 18.95
C TRP B 239 -5.02 -22.97 19.31
N ASP B 240 -3.76 -22.86 18.89
CA ASP B 240 -2.75 -23.85 19.25
C ASP B 240 -1.79 -23.27 20.29
N ASN B 241 -2.18 -22.14 20.89
CA ASN B 241 -1.37 -21.49 21.92
C ASN B 241 0.02 -21.14 21.43
N VAL B 242 0.12 -20.76 20.15
CA VAL B 242 1.41 -20.46 19.55
C VAL B 242 1.70 -18.96 19.50
N THR B 243 2.90 -18.59 19.95
CA THR B 243 3.42 -17.25 19.73
C THR B 243 4.46 -17.30 18.63
N PRO B 244 4.10 -16.79 17.44
CA PRO B 244 4.99 -16.84 16.27
C PRO B 244 6.16 -15.87 16.42
N ASP B 245 7.21 -16.09 15.63
CA ASP B 245 8.37 -15.21 15.65
C ASP B 245 8.01 -13.84 15.10
N MET B 246 6.97 -13.79 14.27
CA MET B 246 6.52 -12.53 13.69
C MET B 246 5.07 -12.59 13.25
N TYR B 247 4.27 -11.64 13.72
CA TYR B 247 2.90 -11.48 13.28
C TYR B 247 2.86 -10.57 12.05
N ILE B 248 2.01 -10.90 11.08
CA ILE B 248 1.68 -9.98 10.00
C ILE B 248 0.20 -9.62 10.07
N LEU B 249 -0.09 -8.36 10.34
CA LEU B 249 -1.46 -7.91 10.50
C LEU B 249 -1.87 -6.89 9.46
N GLY B 250 -3.17 -6.79 9.20
CA GLY B 250 -3.70 -5.86 8.22
C GLY B 250 -5.21 -5.82 8.22
N ALA B 252 -8.44 -5.72 8.95
CA ALA B 252 -9.26 -5.24 10.07
C ALA B 252 -8.48 -4.35 11.03
N LEU B 253 -7.16 -4.32 10.88
CA LEU B 253 -6.30 -3.48 11.71
C LEU B 253 -6.77 -2.03 11.66
N GLY B 254 -7.41 -1.64 10.56
CA GLY B 254 -7.88 -0.28 10.39
C GLY B 254 -9.39 -0.19 10.25
N GLY B 255 -10.08 -1.26 10.65
CA GLY B 255 -11.54 -1.27 10.66
C GLY B 255 -12.19 -1.07 9.30
N GLY B 256 -11.41 -1.22 8.23
CA GLY B 256 -11.94 -1.02 6.88
C GLY B 256 -12.14 0.45 6.57
N VAL B 257 -11.64 1.32 7.45
CA VAL B 257 -11.74 2.75 7.25
C VAL B 257 -10.47 3.31 6.63
N PHE B 258 -9.34 2.73 7.01
CA PHE B 258 -8.04 3.19 6.52
C PHE B 258 -7.11 2.00 6.34
N PRO B 259 -6.41 1.93 5.20
CA PRO B 259 -5.47 0.82 5.00
C PRO B 259 -4.23 0.95 5.88
N ILE B 260 -4.13 0.07 6.87
CA ILE B 260 -2.96 0.02 7.74
C ILE B 260 -2.60 -1.42 8.06
N SER B 261 -1.32 -1.73 7.92
CA SER B 261 -0.82 -3.08 8.16
C SER B 261 0.45 -2.98 8.98
N CYS B 262 1.03 -4.11 9.35
CA CYS B 262 2.26 -4.10 10.15
C CYS B 262 2.89 -5.47 10.29
N ALA B 263 4.18 -5.46 10.63
CA ALA B 263 4.91 -6.65 11.06
C ALA B 263 5.32 -6.45 12.51
N ALA B 264 5.06 -7.45 13.34
CA ALA B 264 5.38 -7.35 14.76
C ALA B 264 6.25 -8.52 15.21
N ALA B 265 7.42 -8.21 15.75
CA ALA B 265 8.34 -9.22 16.23
C ALA B 265 9.29 -8.60 17.26
N ASN B 266 10.18 -9.41 17.81
CA ASN B 266 11.11 -8.94 18.82
C ASN B 266 12.35 -8.29 18.21
N ARG B 267 13.10 -7.57 19.04
CA ARG B 267 14.21 -6.75 18.55
C ARG B 267 15.32 -7.57 17.89
N ASP B 268 15.34 -8.86 18.13
CA ASP B 268 16.35 -9.68 17.50
C ASP B 268 16.04 -9.93 16.06
N ILE B 269 14.82 -9.65 15.66
CA ILE B 269 14.47 -9.87 14.28
C ILE B 269 14.29 -8.58 13.50
N LEU B 270 13.45 -7.71 14.03
CA LEU B 270 13.20 -6.43 13.42
C LEU B 270 14.38 -5.50 13.53
N GLY B 271 15.16 -5.67 14.56
CA GLY B 271 16.28 -4.80 14.84
C GLY B 271 17.29 -4.76 13.72
N VAL B 272 17.18 -5.69 12.79
CA VAL B 272 18.12 -5.77 11.67
C VAL B 272 17.98 -4.55 10.76
N PHE B 273 16.85 -3.86 10.85
CA PHE B 273 16.63 -2.65 10.07
C PHE B 273 17.27 -1.44 10.74
N GLU B 274 18.25 -0.84 10.05
CA GLU B 274 18.91 0.40 10.46
C GLU B 274 18.18 1.53 9.75
N PRO B 275 18.34 2.74 10.21
CA PRO B 275 17.62 3.83 9.54
C PRO B 275 17.92 3.91 8.04
N GLY B 276 16.87 3.90 7.23
CA GLY B 276 17.01 4.08 5.79
C GLY B 276 16.91 2.78 4.99
N SER B 277 16.87 1.66 5.68
CA SER B 277 16.86 0.36 5.02
C SER B 277 15.48 0.00 4.45
N HIS B 278 14.42 0.50 5.09
CA HIS B 278 13.07 0.14 4.69
C HIS B 278 12.09 1.26 5.06
N GLY B 279 10.86 1.14 4.56
CA GLY B 279 9.82 2.10 4.89
C GLY B 279 8.82 2.32 3.78
N SER B 280 8.22 3.52 3.79
CA SER B 280 7.23 3.92 2.81
C SER B 280 6.80 5.35 3.16
N THR B 281 5.96 5.94 2.34
CA THR B 281 5.59 7.35 2.52
C THR B 281 4.47 7.46 3.55
N PHE B 282 3.47 6.60 3.44
CA PHE B 282 2.28 6.70 4.29
C PHE B 282 2.31 5.77 5.49
N GLY B 283 3.18 4.77 5.46
CA GLY B 283 3.25 3.79 6.53
C GLY B 283 3.43 4.43 7.90
N GLY B 284 2.41 4.27 8.75
CA GLY B 284 2.47 4.78 10.11
C GLY B 284 2.10 6.25 10.21
N ASN B 285 1.30 6.73 9.27
CA ASN B 285 0.82 8.11 9.33
C ASN B 285 -0.23 8.24 10.44
N PRO B 286 -0.36 9.45 11.01
CA PRO B 286 -1.20 9.65 12.19
C PRO B 286 -2.69 9.36 11.96
N LEU B 287 -3.17 9.50 10.73
CA LEU B 287 -4.57 9.22 10.43
C LEU B 287 -4.84 7.72 10.55
N ALA B 288 -3.97 6.92 9.95
CA ALA B 288 -4.08 5.47 10.04
C ALA B 288 -3.95 5.01 11.49
N CYS B 289 -3.02 5.61 12.22
CA CYS B 289 -2.78 5.23 13.61
C CYS B 289 -3.99 5.52 14.48
N ALA B 290 -4.47 6.76 14.43
CA ALA B 290 -5.63 7.15 15.23
C ALA B 290 -6.83 6.26 14.93
N VAL B 291 -6.98 5.90 13.66
CA VAL B 291 -8.09 5.06 13.23
C VAL B 291 -7.88 3.61 13.68
N SER B 292 -6.63 3.16 13.66
CA SER B 292 -6.30 1.81 14.08
C SER B 292 -6.50 1.65 15.59
N ILE B 293 -5.98 2.60 16.35
CA ILE B 293 -6.15 2.60 17.79
C ILE B 293 -7.64 2.44 18.14
N ALA B 294 -8.48 3.18 17.44
CA ALA B 294 -9.92 3.13 17.68
C ALA B 294 -10.50 1.77 17.29
N ALA B 295 -9.99 1.21 16.20
CA ALA B 295 -10.46 -0.08 15.71
C ALA B 295 -10.11 -1.20 16.67
N LEU B 296 -8.96 -1.08 17.33
CA LEU B 296 -8.53 -2.09 18.29
C LEU B 296 -9.28 -1.95 19.61
N GLU B 297 -9.60 -0.72 19.98
CA GLU B 297 -10.36 -0.46 21.20
C GLU B 297 -11.77 -1.03 21.08
N VAL B 298 -12.36 -0.92 19.89
CA VAL B 298 -13.68 -1.48 19.63
C VAL B 298 -13.66 -2.99 19.82
N LEU B 299 -12.58 -3.62 19.34
CA LEU B 299 -12.43 -5.06 19.44
C LEU B 299 -12.57 -5.53 20.88
N GLU B 300 -11.72 -4.99 21.76
CA GLU B 300 -11.69 -5.42 23.15
C GLU B 300 -12.88 -4.91 23.95
N GLU B 301 -13.19 -3.62 23.83
CA GLU B 301 -14.25 -3.00 24.63
C GLU B 301 -15.61 -3.64 24.37
N GLU B 302 -15.83 -4.13 23.16
CA GLU B 302 -17.09 -4.76 22.82
C GLU B 302 -16.96 -6.28 22.76
N LYS B 303 -15.80 -6.78 23.16
CA LYS B 303 -15.56 -8.22 23.26
C LYS B 303 -15.96 -8.94 21.97
N LEU B 304 -15.53 -8.42 20.83
CA LEU B 304 -15.90 -9.01 19.54
C LEU B 304 -15.22 -10.35 19.31
N THR B 305 -14.07 -10.55 19.94
CA THR B 305 -13.35 -11.81 19.85
C THR B 305 -14.17 -12.93 20.46
N GLU B 306 -14.72 -12.68 21.64
CA GLU B 306 -15.55 -13.67 22.34
C GLU B 306 -16.90 -13.77 21.66
N ARG B 307 -17.40 -12.64 21.16
CA ARG B 307 -18.66 -12.63 20.43
C ARG B 307 -18.54 -13.48 19.17
N SER B 308 -17.38 -13.43 18.54
CA SER B 308 -17.11 -14.23 17.34
C SER B 308 -17.03 -15.70 17.71
N LEU B 309 -16.31 -15.99 18.79
CA LEU B 309 -16.13 -17.35 19.28
C LEU B 309 -17.47 -18.06 19.46
N GLN B 310 -18.37 -17.44 20.22
CA GLN B 310 -19.62 -18.07 20.59
C GLN B 310 -20.61 -18.17 19.43
N LEU B 311 -20.82 -17.06 18.72
CA LEU B 311 -21.78 -17.05 17.61
C LEU B 311 -21.31 -17.95 16.47
N GLY B 312 -20.01 -17.91 16.18
CA GLY B 312 -19.44 -18.76 15.16
C GLY B 312 -19.72 -20.22 15.44
N GLU B 313 -19.49 -20.61 16.69
CA GLU B 313 -19.76 -21.96 17.14
C GLU B 313 -21.23 -22.33 16.89
N LYS B 314 -22.13 -21.50 17.40
CA LYS B 314 -23.55 -21.72 17.25
C LYS B 314 -23.95 -21.94 15.79
N LEU B 315 -23.48 -21.06 14.90
CA LEU B 315 -23.87 -21.11 13.49
C LEU B 315 -23.35 -22.38 12.82
N VAL B 316 -22.09 -22.73 13.10
CA VAL B 316 -21.52 -23.96 12.56
C VAL B 316 -22.32 -25.16 13.02
N GLY B 317 -22.84 -25.11 14.24
CA GLY B 317 -23.67 -26.17 14.77
C GLY B 317 -25.04 -26.18 14.11
N GLN B 318 -25.57 -24.99 13.84
CA GLN B 318 -26.87 -24.86 13.19
C GLN B 318 -26.78 -25.30 11.73
N LEU B 319 -25.64 -25.02 11.10
CA LEU B 319 -25.44 -25.35 9.69
C LEU B 319 -25.23 -26.87 9.50
N LYS B 320 -24.51 -27.48 10.43
CA LYS B 320 -24.21 -28.92 10.34
C LYS B 320 -25.46 -29.78 10.46
N GLU B 321 -26.61 -29.15 10.70
CA GLU B 321 -27.88 -29.86 10.77
C GLU B 321 -28.49 -30.03 9.39
N ILE B 322 -28.31 -29.04 8.53
CA ILE B 322 -28.87 -29.08 7.18
C ILE B 322 -28.49 -30.37 6.47
N ASP B 323 -29.48 -31.21 6.24
CA ASP B 323 -29.22 -32.49 5.63
C ASP B 323 -29.27 -32.40 4.13
N ASN B 324 -28.14 -32.63 3.51
CA ASN B 324 -28.05 -32.71 2.08
C ASN B 324 -26.76 -33.38 1.75
N PRO B 325 -26.78 -34.15 0.71
CA PRO B 325 -25.59 -34.83 0.21
C PRO B 325 -24.63 -33.84 -0.39
N MET B 326 -25.19 -32.79 -0.96
CA MET B 326 -24.42 -31.77 -1.67
C MET B 326 -23.32 -31.20 -0.79
N ILE B 327 -23.57 -31.15 0.51
CA ILE B 327 -22.66 -30.51 1.45
C ILE B 327 -21.56 -31.48 1.90
N THR B 328 -20.35 -31.26 1.40
CA THR B 328 -19.22 -32.13 1.72
C THR B 328 -18.73 -31.92 3.15
N GLU B 329 -18.71 -30.66 3.59
CA GLU B 329 -18.31 -30.35 4.97
C GLU B 329 -18.61 -28.91 5.36
N VAL B 330 -19.04 -28.73 6.61
CA VAL B 330 -19.13 -27.42 7.22
C VAL B 330 -17.98 -27.25 8.21
N ARG B 331 -17.12 -26.27 7.95
CA ARG B 331 -15.95 -26.06 8.79
C ARG B 331 -15.76 -24.57 9.10
N GLY B 332 -15.16 -24.27 10.24
CA GLY B 332 -14.88 -22.90 10.60
C GLY B 332 -14.43 -22.70 12.04
N LYS B 333 -13.82 -21.55 12.28
CA LYS B 333 -13.45 -21.13 13.62
C LYS B 333 -13.96 -19.71 13.84
N GLY B 334 -14.62 -19.48 14.97
CA GLY B 334 -15.30 -18.22 15.19
C GLY B 334 -16.21 -17.92 14.02
N LEU B 335 -16.21 -16.68 13.56
CA LEU B 335 -17.02 -16.30 12.40
C LEU B 335 -16.30 -16.44 11.06
N PHE B 336 -15.26 -17.26 11.03
CA PHE B 336 -14.54 -17.56 9.80
C PHE B 336 -14.93 -18.94 9.27
N ILE B 337 -16.02 -18.99 8.52
CA ILE B 337 -16.65 -20.26 8.18
C ILE B 337 -16.73 -20.50 6.68
N GLY B 338 -16.71 -21.78 6.30
CA GLY B 338 -16.85 -22.17 4.91
C GLY B 338 -17.71 -23.41 4.74
N ILE B 339 -18.44 -23.45 3.63
CA ILE B 339 -19.31 -24.59 3.33
C ILE B 339 -18.90 -25.20 1.98
N GLU B 340 -18.33 -26.40 2.02
CA GLU B 340 -17.85 -27.05 0.81
C GLU B 340 -18.92 -27.90 0.16
N LEU B 341 -19.03 -27.80 -1.16
CA LEU B 341 -20.03 -28.53 -1.91
C LEU B 341 -19.36 -29.40 -2.97
N ASN B 342 -20.01 -30.50 -3.34
CA ASN B 342 -19.55 -31.34 -4.43
C ASN B 342 -19.98 -30.78 -5.78
N GLU B 343 -20.66 -29.63 -5.74
CA GLU B 343 -21.02 -28.89 -6.94
C GLU B 343 -20.34 -27.53 -6.92
N PRO B 344 -20.43 -26.77 -8.02
CA PRO B 344 -19.97 -25.39 -7.98
C PRO B 344 -20.86 -24.55 -7.07
N ALA B 345 -20.32 -23.49 -6.48
CA ALA B 345 -21.03 -22.73 -5.46
C ALA B 345 -21.68 -21.45 -6.00
N ARG B 346 -21.26 -21.01 -7.19
CA ARG B 346 -21.71 -19.72 -7.71
C ARG B 346 -23.23 -19.65 -7.82
N PRO B 347 -23.87 -20.70 -8.35
CA PRO B 347 -25.33 -20.67 -8.49
C PRO B 347 -26.02 -20.33 -7.18
N TYR B 348 -25.61 -20.97 -6.10
CA TYR B 348 -26.20 -20.77 -4.80
C TYR B 348 -25.82 -19.41 -4.23
N CYS B 349 -24.67 -18.90 -4.63
CA CYS B 349 -24.26 -17.55 -4.25
C CYS B 349 -25.22 -16.53 -4.89
N GLU B 350 -25.68 -16.84 -6.09
CA GLU B 350 -26.64 -15.99 -6.78
C GLU B 350 -28.00 -16.05 -6.09
N GLN B 351 -28.37 -17.24 -5.63
CA GLN B 351 -29.63 -17.45 -4.93
C GLN B 351 -29.64 -16.68 -3.62
N LEU B 352 -28.47 -16.59 -2.97
CA LEU B 352 -28.35 -15.88 -1.71
C LEU B 352 -28.41 -14.36 -1.92
N LYS B 353 -27.86 -13.89 -3.04
CA LYS B 353 -27.95 -12.48 -3.38
C LYS B 353 -29.40 -12.06 -3.52
N ALA B 354 -30.17 -12.89 -4.23
CA ALA B 354 -31.58 -12.61 -4.49
C ALA B 354 -32.39 -12.53 -3.19
N ALA B 355 -31.87 -13.13 -2.13
CA ALA B 355 -32.57 -13.15 -0.86
C ALA B 355 -32.07 -12.06 0.10
N GLY B 356 -30.94 -11.45 -0.24
CA GLY B 356 -30.42 -10.33 0.53
C GLY B 356 -29.15 -10.62 1.30
N LEU B 357 -28.37 -11.59 0.82
CA LEU B 357 -27.10 -11.93 1.44
C LEU B 357 -25.96 -11.88 0.44
N LEU B 358 -24.91 -11.14 0.76
CA LEU B 358 -23.77 -11.00 -0.14
C LEU B 358 -22.55 -11.75 0.39
N CYS B 359 -22.02 -12.64 -0.45
CA CYS B 359 -20.79 -13.36 -0.16
C CYS B 359 -20.21 -13.80 -1.49
N LYS B 360 -18.93 -14.16 -1.50
CA LYS B 360 -18.28 -14.59 -2.74
C LYS B 360 -17.60 -15.94 -2.57
N GLU B 361 -17.73 -16.77 -3.60
CA GLU B 361 -17.05 -18.06 -3.64
C GLU B 361 -15.55 -17.87 -3.73
N THR B 362 -14.82 -18.74 -3.04
CA THR B 362 -13.38 -18.88 -3.26
C THR B 362 -13.10 -20.36 -3.44
N HIS B 363 -12.51 -20.71 -4.57
CA HIS B 363 -12.22 -22.10 -4.87
C HIS B 363 -13.45 -22.85 -5.36
N GLU B 364 -14.48 -22.16 -5.73
CA GLU B 364 -15.60 -22.72 -6.49
C GLU B 364 -16.47 -23.59 -5.60
N ASN B 365 -15.88 -24.59 -4.96
CA ASN B 365 -16.62 -25.56 -4.16
C ASN B 365 -17.14 -24.97 -2.85
N VAL B 366 -16.45 -23.94 -2.35
CA VAL B 366 -16.73 -23.43 -1.02
C VAL B 366 -17.45 -22.07 -1.01
N ILE B 367 -18.44 -21.94 -0.13
CA ILE B 367 -19.13 -20.68 0.09
C ILE B 367 -18.61 -20.01 1.35
N ARG B 368 -18.20 -18.76 1.24
CA ARG B 368 -17.70 -18.01 2.39
C ARG B 368 -18.83 -17.55 3.29
N ILE B 369 -18.58 -17.60 4.60
CA ILE B 369 -19.50 -17.06 5.59
C ILE B 369 -18.70 -16.28 6.63
N ALA B 370 -18.54 -14.99 6.41
CA ALA B 370 -17.71 -14.16 7.28
C ALA B 370 -18.36 -12.79 7.54
N PRO B 371 -19.45 -12.78 8.31
CA PRO B 371 -20.14 -11.54 8.68
C PRO B 371 -19.33 -10.73 9.69
N PRO B 372 -19.59 -9.42 9.77
CA PRO B 372 -18.93 -8.61 10.80
C PRO B 372 -19.15 -9.21 12.18
N LEU B 373 -18.15 -9.08 13.05
CA LEU B 373 -18.21 -9.69 14.36
C LEU B 373 -19.17 -8.94 15.29
N VAL B 374 -19.75 -7.85 14.77
CA VAL B 374 -20.72 -7.07 15.54
C VAL B 374 -22.14 -7.55 15.28
N ILE B 375 -22.30 -8.50 14.36
CA ILE B 375 -23.61 -8.99 13.97
C ILE B 375 -24.42 -9.48 15.17
N SER B 376 -25.67 -9.03 15.26
CA SER B 376 -26.53 -9.40 16.37
C SER B 376 -26.94 -10.87 16.25
N GLU B 377 -27.53 -11.41 17.31
CA GLU B 377 -28.03 -12.78 17.30
C GLU B 377 -29.19 -12.92 16.34
N GLU B 378 -30.11 -11.96 16.39
CA GLU B 378 -31.29 -11.96 15.53
C GLU B 378 -30.87 -11.96 14.07
N ASP B 379 -30.03 -11.01 13.70
CA ASP B 379 -29.56 -10.89 12.32
C ASP B 379 -28.82 -12.15 11.90
N LEU B 380 -28.12 -12.77 12.83
CA LEU B 380 -27.41 -14.02 12.53
C LEU B 380 -28.40 -15.16 12.35
N GLU B 381 -29.48 -15.13 13.12
CA GLU B 381 -30.53 -16.14 13.01
C GLU B 381 -31.31 -15.95 11.71
N TRP B 382 -31.62 -14.70 11.38
CA TRP B 382 -32.30 -14.39 10.13
C TRP B 382 -31.45 -14.87 8.96
N ALA B 383 -30.13 -14.75 9.11
CA ALA B 383 -29.20 -15.16 8.06
C ALA B 383 -29.17 -16.68 7.92
N PHE B 384 -29.07 -17.38 9.05
CA PHE B 384 -29.03 -18.83 9.05
C PHE B 384 -30.20 -19.40 8.25
N GLN B 385 -31.37 -18.83 8.46
CA GLN B 385 -32.59 -19.33 7.84
C GLN B 385 -32.60 -19.15 6.32
N LYS B 386 -32.11 -18.02 5.85
CA LYS B 386 -32.00 -17.79 4.41
C LYS B 386 -31.06 -18.80 3.79
N ILE B 387 -29.96 -19.08 4.49
CA ILE B 387 -28.98 -20.07 4.04
C ILE B 387 -29.58 -21.47 4.00
N LYS B 388 -30.48 -21.75 4.94
CA LYS B 388 -31.11 -23.07 5.03
C LYS B 388 -32.11 -23.27 3.88
N ALA B 389 -32.81 -22.20 3.53
CA ALA B 389 -33.77 -22.26 2.43
C ALA B 389 -33.09 -22.60 1.11
N VAL B 390 -31.88 -22.10 0.94
CA VAL B 390 -31.15 -22.27 -0.31
C VAL B 390 -30.38 -23.58 -0.38
N LEU B 391 -29.82 -24.01 0.74
CA LEU B 391 -28.93 -25.17 0.76
C LEU B 391 -29.64 -26.48 1.08
N SER B 392 -30.81 -26.38 1.70
CA SER B 392 -31.59 -27.57 2.04
C SER B 392 -32.12 -28.23 0.77
#